data_4ZGL
#
_entry.id   4ZGL
#
_cell.length_a   48.900
_cell.length_b   75.640
_cell.length_c   335.090
_cell.angle_alpha   90.00
_cell.angle_beta   90.00
_cell.angle_gamma   90.00
#
_symmetry.space_group_name_H-M   'P 21 21 21'
#
loop_
_entity.id
_entity.type
_entity.pdbx_description
1 polymer 'Uncharacterized HIT-like protein HP_0404'
2 non-polymer 'ADENOSINE MONOPHOSPHATE'
#
_entity_poly.entity_id   1
_entity_poly.type   'polypeptide(L)'
_entity_poly.pdbx_seq_one_letter_code
;MNVFEKIIQGEIPCSKILENERFLSFYDINPKAKVHALVIPKQSIQDFNGITPELMAQMTSFIFEVVEKLGIKEKGYKLL
TNVGKNAGQEVMHLHFHILSGDKHLEHHHHHH
;
_entity_poly.pdbx_strand_id   A,B,C,D,E,F,G,H,I,J
#
loop_
_chem_comp.id
_chem_comp.type
_chem_comp.name
_chem_comp.formula
AMP non-polymer 'ADENOSINE MONOPHOSPHATE' 'C10 H14 N5 O7 P'
#
# COMPACT_ATOMS: atom_id res chain seq x y z
N MET A 1 53.04 9.96 -3.63
CA MET A 1 53.08 10.90 -2.46
C MET A 1 51.76 11.12 -1.67
N ASN A 2 50.66 10.62 -2.21
CA ASN A 2 49.33 10.87 -1.68
C ASN A 2 48.76 9.50 -1.36
N VAL A 3 47.79 9.41 -0.46
CA VAL A 3 47.40 8.10 0.10
C VAL A 3 46.92 7.07 -0.95
N PHE A 4 46.11 7.50 -1.91
CA PHE A 4 45.64 6.58 -2.96
C PHE A 4 46.74 6.27 -3.97
N GLU A 5 47.61 7.23 -4.23
CA GLU A 5 48.77 7.01 -5.11
C GLU A 5 49.70 5.95 -4.52
N LYS A 6 49.86 6.00 -3.19
CA LYS A 6 50.65 5.01 -2.46
C LYS A 6 50.08 3.62 -2.62
N ILE A 7 48.74 3.52 -2.56
CA ILE A 7 48.05 2.25 -2.75
C ILE A 7 48.32 1.71 -4.15
N ILE A 8 48.22 2.59 -5.14
CA ILE A 8 48.46 2.22 -6.53
C ILE A 8 49.89 1.66 -6.70
N GLN A 9 50.87 2.22 -6.00
CA GLN A 9 52.34 1.87 -6.22
C GLN A 9 53.33 0.60 -5.80
N GLY A 10 53.16 -0.32 -4.84
CA GLY A 10 52.07 -0.49 -3.86
C GLY A 10 52.72 -0.37 -2.49
N GLU A 11 52.87 0.87 -2.07
CA GLU A 11 53.56 1.24 -0.86
C GLU A 11 52.77 0.90 0.40
N ILE A 12 51.45 1.07 0.36
CA ILE A 12 50.61 0.75 1.50
C ILE A 12 49.53 -0.27 1.10
N PRO A 13 49.23 -1.21 1.99
CA PRO A 13 48.23 -2.25 1.68
C PRO A 13 46.81 -1.70 1.56
N CYS A 14 45.91 -2.55 1.10
CA CYS A 14 44.48 -2.23 1.07
C CYS A 14 43.67 -3.52 0.96
N SER A 15 42.35 -3.41 1.13
CA SER A 15 41.46 -4.53 0.94
C SER A 15 40.90 -4.47 -0.47
N LYS A 16 41.70 -4.97 -1.40
CA LYS A 16 41.36 -4.93 -2.81
C LYS A 16 40.10 -5.75 -3.13
N ILE A 17 39.12 -5.09 -3.75
CA ILE A 17 37.86 -5.73 -4.15
C ILE A 17 38.03 -6.29 -5.56
N LEU A 18 38.42 -5.42 -6.48
CA LEU A 18 38.66 -5.80 -7.88
C LEU A 18 39.77 -4.91 -8.44
N GLU A 19 40.49 -5.42 -9.43
CA GLU A 19 41.54 -4.67 -10.10
C GLU A 19 41.63 -5.05 -11.58
N ASN A 20 42.10 -4.10 -12.38
CA ASN A 20 42.38 -4.36 -13.78
C ASN A 20 43.46 -3.38 -14.28
N GLU A 21 43.80 -3.45 -15.57
CA GLU A 21 44.93 -2.67 -16.13
C GLU A 21 44.84 -1.18 -15.84
N ARG A 22 43.63 -0.63 -15.85
CA ARG A 22 43.42 0.80 -15.73
C ARG A 22 42.77 1.27 -14.43
N PHE A 23 42.13 0.36 -13.68
CA PHE A 23 41.39 0.73 -12.48
C PHE A 23 41.66 -0.19 -11.31
N LEU A 24 41.30 0.28 -10.12
CA LEU A 24 41.46 -0.47 -8.90
C LEU A 24 40.34 -0.10 -7.93
N SER A 25 39.77 -1.09 -7.26
CA SER A 25 38.74 -0.87 -6.25
C SER A 25 39.13 -1.50 -4.93
N PHE A 26 38.73 -0.86 -3.84
CA PHE A 26 39.03 -1.35 -2.50
C PHE A 26 38.09 -0.73 -1.47
N TYR A 27 38.02 -1.37 -0.30
CA TYR A 27 37.15 -0.90 0.78
C TYR A 27 37.68 0.36 1.44
N ASP A 28 36.76 1.25 1.82
CA ASP A 28 37.09 2.45 2.57
C ASP A 28 37.33 2.06 4.03
N ILE A 29 38.42 2.57 4.60
CA ILE A 29 38.82 2.22 5.98
C ILE A 29 37.94 2.89 7.03
N ASN A 30 37.23 3.94 6.64
CA ASN A 30 36.22 4.57 7.47
C ASN A 30 34.85 4.54 6.79
N PRO A 31 34.19 3.37 6.81
CA PRO A 31 32.91 3.19 6.12
C PRO A 31 31.82 4.14 6.59
N LYS A 32 30.98 4.57 5.65
CA LYS A 32 29.84 5.43 5.91
C LYS A 32 28.55 4.69 5.54
N ALA A 33 28.68 3.41 5.18
CA ALA A 33 27.56 2.55 4.83
C ALA A 33 27.98 1.10 5.05
N LYS A 34 27.01 0.21 5.09
CA LYS A 34 27.26 -1.22 5.33
C LYS A 34 28.37 -1.74 4.39
N VAL A 35 28.22 -1.47 3.10
CA VAL A 35 29.29 -1.68 2.14
C VAL A 35 29.73 -0.32 1.59
N HIS A 36 31.02 -0.02 1.73
CA HIS A 36 31.59 1.21 1.23
C HIS A 36 32.88 0.90 0.47
N ALA A 37 32.81 0.99 -0.86
CA ALA A 37 33.98 0.77 -1.71
C ALA A 37 34.40 2.06 -2.41
N LEU A 38 35.67 2.08 -2.85
CA LEU A 38 36.22 3.19 -3.61
C LEU A 38 36.72 2.66 -4.94
N VAL A 39 36.41 3.37 -6.02
CA VAL A 39 36.91 3.02 -7.35
C VAL A 39 37.85 4.11 -7.83
N ILE A 40 39.09 3.74 -8.16
CA ILE A 40 40.09 4.73 -8.57
C ILE A 40 40.80 4.32 -9.86
N PRO A 41 41.11 5.33 -10.69
CA PRO A 41 41.93 5.08 -11.88
C PRO A 41 43.39 4.96 -11.47
N LYS A 42 44.10 3.98 -12.03
CA LYS A 42 45.52 3.82 -11.74
C LYS A 42 46.33 5.00 -12.28
N GLN A 43 45.84 5.57 -13.37
CA GLN A 43 46.43 6.77 -13.95
C GLN A 43 46.32 7.94 -12.96
N SER A 44 47.32 8.82 -12.98
CA SER A 44 47.39 9.94 -12.04
C SER A 44 46.45 11.06 -12.46
N ILE A 45 45.26 11.05 -11.87
CA ILE A 45 44.26 12.04 -12.16
C ILE A 45 43.62 12.53 -10.89
N GLN A 46 43.44 13.84 -10.76
CA GLN A 46 43.11 14.46 -9.48
C GLN A 46 41.63 14.44 -9.10
N ASP A 47 40.77 14.65 -10.08
CA ASP A 47 39.33 14.71 -9.85
C ASP A 47 38.54 14.42 -11.12
N PHE A 48 37.21 14.50 -11.04
CA PHE A 48 36.36 14.15 -12.17
C PHE A 48 36.59 15.07 -13.37
N ASN A 49 36.86 16.35 -13.12
CA ASN A 49 37.17 17.27 -14.20
C ASN A 49 38.31 16.82 -15.13
N GLY A 50 39.25 16.06 -14.58
CA GLY A 50 40.44 15.65 -15.32
C GLY A 50 40.41 14.22 -15.86
N ILE A 51 39.22 13.65 -16.04
CA ILE A 51 39.08 12.32 -16.67
C ILE A 51 38.52 12.51 -18.07
N THR A 52 39.02 11.75 -19.03
CA THR A 52 38.53 11.82 -20.41
C THR A 52 37.24 11.02 -20.53
N PRO A 53 36.37 11.37 -21.49
CA PRO A 53 35.17 10.55 -21.61
C PRO A 53 35.45 9.08 -21.89
N GLU A 54 36.37 8.80 -22.81
CA GLU A 54 36.83 7.43 -23.15
C GLU A 54 37.16 6.56 -21.96
N LEU A 55 37.75 7.17 -20.94
CA LEU A 55 38.20 6.45 -19.76
C LEU A 55 37.07 6.26 -18.76
N MET A 56 36.13 7.20 -18.75
CA MET A 56 34.96 7.13 -17.89
C MET A 56 33.97 6.08 -18.42
N ALA A 57 34.01 5.84 -19.72
CA ALA A 57 33.28 4.72 -20.31
C ALA A 57 33.81 3.40 -19.73
N GLN A 58 35.13 3.27 -19.70
CA GLN A 58 35.77 2.05 -19.20
C GLN A 58 35.62 1.91 -17.69
N MET A 59 35.55 3.03 -16.99
CA MET A 59 35.30 3.03 -15.54
C MET A 59 33.87 2.62 -15.23
N THR A 60 32.92 3.09 -16.03
CA THR A 60 31.51 2.71 -15.88
C THR A 60 31.37 1.20 -15.99
N SER A 61 32.06 0.63 -16.97
CA SER A 61 32.13 -0.80 -17.15
C SER A 61 32.71 -1.48 -15.91
N PHE A 62 33.81 -0.92 -15.40
CA PHE A 62 34.48 -1.42 -14.20
C PHE A 62 33.59 -1.29 -12.96
N ILE A 63 32.82 -0.21 -12.88
CA ILE A 63 31.92 0.01 -11.74
C ILE A 63 30.83 -1.07 -11.68
N PHE A 64 30.30 -1.45 -12.83
CA PHE A 64 29.33 -2.53 -12.89
C PHE A 64 29.93 -3.84 -12.38
N GLU A 65 31.21 -4.08 -12.67
CA GLU A 65 31.89 -5.28 -12.19
C GLU A 65 32.06 -5.28 -10.69
N VAL A 66 32.32 -4.12 -10.10
CA VAL A 66 32.54 -4.09 -8.65
C VAL A 66 31.23 -4.29 -7.90
N VAL A 67 30.19 -3.51 -8.23
CA VAL A 67 28.90 -3.64 -7.55
C VAL A 67 28.31 -5.04 -7.67
N GLU A 68 28.64 -5.73 -8.75
CA GLU A 68 28.12 -7.08 -8.93
C GLU A 68 28.97 -8.07 -8.12
N LYS A 69 30.28 -7.84 -8.04
CA LYS A 69 31.11 -8.59 -7.10
C LYS A 69 30.69 -8.38 -5.65
N LEU A 70 30.38 -7.15 -5.27
CA LEU A 70 29.92 -6.87 -3.91
C LEU A 70 28.50 -7.34 -3.65
N GLY A 71 27.73 -7.64 -4.71
CA GLY A 71 26.39 -8.19 -4.54
C GLY A 71 25.37 -7.13 -4.13
N ILE A 72 25.68 -5.87 -4.40
CA ILE A 72 24.78 -4.76 -4.13
C ILE A 72 24.18 -4.17 -5.41
N LYS A 73 24.55 -4.73 -6.56
CA LYS A 73 24.07 -4.22 -7.85
C LYS A 73 22.56 -4.11 -7.88
N GLU A 74 21.88 -5.14 -7.40
CA GLU A 74 20.43 -5.24 -7.45
C GLU A 74 19.75 -4.81 -6.16
N LYS A 75 20.48 -4.82 -5.05
CA LYS A 75 19.96 -4.34 -3.78
C LYS A 75 19.84 -2.82 -3.77
N GLY A 76 20.81 -2.15 -4.39
CA GLY A 76 20.81 -0.69 -4.48
C GLY A 76 22.08 -0.10 -3.93
N TYR A 77 22.56 0.95 -4.61
CA TYR A 77 23.80 1.62 -4.20
C TYR A 77 23.83 3.08 -4.65
N LYS A 78 24.69 3.86 -3.99
CA LYS A 78 24.92 5.25 -4.35
C LYS A 78 26.25 5.38 -5.06
N LEU A 79 26.29 6.26 -6.05
CA LEU A 79 27.54 6.59 -6.75
C LEU A 79 27.84 8.06 -6.49
N LEU A 80 29.02 8.35 -5.95
CA LEU A 80 29.39 9.70 -5.57
C LEU A 80 30.86 9.98 -5.88
N THR A 81 31.15 11.17 -6.40
CA THR A 81 32.51 11.67 -6.46
C THR A 81 32.52 13.16 -6.14
N ASN A 82 33.48 13.58 -5.33
CA ASN A 82 33.63 14.98 -4.94
C ASN A 82 34.72 15.63 -5.79
N VAL A 83 34.37 16.74 -6.42
CA VAL A 83 35.29 17.45 -7.29
C VAL A 83 35.75 18.73 -6.59
N GLY A 84 36.97 18.67 -6.04
CA GLY A 84 37.58 19.82 -5.38
C GLY A 84 37.35 19.85 -3.89
N LYS A 85 38.23 20.52 -3.17
CA LYS A 85 38.14 20.64 -1.71
C LYS A 85 36.84 21.28 -1.24
N ASN A 86 36.31 22.20 -2.02
CA ASN A 86 35.09 22.91 -1.67
C ASN A 86 33.83 22.06 -1.75
N ALA A 87 33.91 20.93 -2.44
CA ALA A 87 32.83 19.94 -2.49
C ALA A 87 33.12 18.75 -1.58
N GLY A 88 34.11 18.90 -0.69
CA GLY A 88 34.40 17.89 0.32
C GLY A 88 35.47 16.87 -0.02
N GLN A 89 36.17 17.07 -1.14
CA GLN A 89 37.23 16.15 -1.52
C GLN A 89 38.42 16.30 -0.58
N GLU A 90 38.86 15.19 0.02
CA GLU A 90 39.94 15.19 1.00
C GLU A 90 41.22 14.61 0.42
N VAL A 91 41.11 13.49 -0.29
CA VAL A 91 42.25 12.90 -1.00
C VAL A 91 42.18 13.38 -2.44
N MET A 92 43.30 13.92 -2.94
CA MET A 92 43.34 14.53 -4.27
C MET A 92 43.76 13.55 -5.35
N HIS A 93 42.95 12.50 -5.51
CA HIS A 93 43.07 11.55 -6.60
C HIS A 93 41.62 11.18 -6.92
N LEU A 94 41.28 11.16 -8.20
CA LEU A 94 39.92 10.89 -8.61
C LEU A 94 39.45 9.59 -7.99
N HIS A 95 38.30 9.64 -7.32
CA HIS A 95 37.72 8.42 -6.77
C HIS A 95 36.22 8.54 -6.65
N PHE A 96 35.55 7.41 -6.92
CA PHE A 96 34.12 7.31 -6.76
C PHE A 96 33.80 6.49 -5.52
N HIS A 97 32.93 7.03 -4.68
CA HIS A 97 32.41 6.29 -3.53
C HIS A 97 31.27 5.42 -4.02
N ILE A 98 31.27 4.15 -3.62
CA ILE A 98 30.14 3.27 -3.81
C ILE A 98 29.60 2.90 -2.44
N LEU A 99 28.44 3.45 -2.10
CA LEU A 99 27.80 3.18 -0.83
C LEU A 99 26.55 2.34 -1.07
N SER A 100 26.12 1.64 -0.02
CA SER A 100 25.02 0.70 -0.09
C SER A 100 23.90 1.10 0.89
N GLY A 101 22.65 0.72 0.60
CA GLY A 101 21.47 1.16 1.38
C GLY A 101 21.15 0.36 2.63
N MET B 1 5.04 8.92 -18.50
CA MET B 1 4.19 8.76 -17.25
C MET B 1 4.91 8.99 -15.92
N ASN B 2 6.19 9.35 -15.96
CA ASN B 2 7.00 9.58 -14.77
C ASN B 2 7.49 11.01 -14.88
N VAL B 3 7.83 11.66 -13.77
CA VAL B 3 8.04 13.12 -13.78
C VAL B 3 9.14 13.61 -14.74
N PHE B 4 10.28 12.92 -14.78
CA PHE B 4 11.37 13.30 -15.70
C PHE B 4 11.04 12.94 -17.15
N GLU B 5 10.31 11.84 -17.35
CA GLU B 5 9.85 11.46 -18.70
C GLU B 5 8.90 12.51 -19.25
N LYS B 6 8.04 13.06 -18.38
CA LYS B 6 7.12 14.14 -18.75
C LYS B 6 7.90 15.39 -19.19
N ILE B 7 9.00 15.70 -18.49
CA ILE B 7 9.85 16.83 -18.85
C ILE B 7 10.46 16.60 -20.24
N ILE B 8 10.96 15.38 -20.47
CA ILE B 8 11.58 15.01 -21.74
C ILE B 8 10.60 15.15 -22.89
N GLN B 9 9.37 14.76 -22.64
CA GLN B 9 8.33 14.77 -23.66
C GLN B 9 7.67 16.12 -23.76
N GLY B 10 8.03 17.03 -22.87
CA GLY B 10 7.59 18.41 -22.91
C GLY B 10 6.21 18.64 -22.34
N GLU B 11 5.69 17.66 -21.58
CA GLU B 11 4.40 17.76 -20.93
C GLU B 11 4.42 18.75 -19.78
N ILE B 12 5.52 18.79 -19.03
CA ILE B 12 5.66 19.72 -17.91
C ILE B 12 6.92 20.58 -18.09
N PRO B 13 6.82 21.87 -17.72
CA PRO B 13 7.95 22.78 -17.90
C PRO B 13 9.12 22.46 -16.97
N CYS B 14 10.25 23.11 -17.22
CA CYS B 14 11.40 23.04 -16.33
C CYS B 14 12.32 24.23 -16.59
N SER B 15 13.31 24.41 -15.71
CA SER B 15 14.31 25.44 -15.89
C SER B 15 15.52 24.82 -16.55
N LYS B 16 15.45 24.70 -17.87
CA LYS B 16 16.48 24.07 -18.66
C LYS B 16 17.81 24.82 -18.60
N ILE B 17 18.88 24.10 -18.22
CA ILE B 17 20.22 24.66 -18.14
C ILE B 17 20.91 24.48 -19.47
N LEU B 18 20.98 23.23 -19.92
CA LEU B 18 21.58 22.87 -21.19
C LEU B 18 20.84 21.68 -21.76
N GLU B 19 20.86 21.55 -23.09
CA GLU B 19 20.23 20.43 -23.78
C GLU B 19 21.03 20.03 -25.02
N ASN B 20 21.01 18.73 -25.31
CA ASN B 20 21.77 18.03 -26.34
C ASN B 20 20.80 17.03 -27.02
N GLU B 21 21.16 16.50 -28.19
CA GLU B 21 20.38 15.46 -28.87
C GLU B 21 20.11 14.21 -27.98
N ARG B 22 21.03 13.92 -27.06
CA ARG B 22 20.91 12.75 -26.19
C ARG B 22 20.68 13.06 -24.69
N PHE B 23 20.94 14.28 -24.25
CA PHE B 23 20.85 14.63 -22.84
C PHE B 23 20.13 15.94 -22.59
N LEU B 24 19.71 16.14 -21.34
CA LEU B 24 19.03 17.34 -20.92
C LEU B 24 19.39 17.63 -19.46
N SER B 25 19.64 18.90 -19.15
CA SER B 25 19.92 19.32 -17.79
C SER B 25 18.98 20.43 -17.37
N PHE B 26 18.62 20.43 -16.08
CA PHE B 26 17.72 21.44 -15.53
C PHE B 26 17.85 21.52 -14.01
N TYR B 27 17.38 22.63 -13.45
CA TYR B 27 17.45 22.86 -12.01
C TYR B 27 16.48 21.98 -11.24
N ASP B 28 16.91 21.53 -10.07
CA ASP B 28 16.06 20.78 -9.16
C ASP B 28 15.13 21.76 -8.44
N ILE B 29 13.84 21.41 -8.38
CA ILE B 29 12.83 22.31 -7.79
C ILE B 29 12.89 22.35 -6.27
N ASN B 30 13.54 21.35 -5.68
CA ASN B 30 13.85 21.34 -4.26
C ASN B 30 15.35 21.27 -4.01
N PRO B 31 16.05 22.39 -4.19
CA PRO B 31 17.51 22.42 -4.08
C PRO B 31 18.03 21.98 -2.73
N LYS B 32 19.18 21.30 -2.74
CA LYS B 32 19.86 20.85 -1.53
C LYS B 32 21.23 21.52 -1.45
N ALA B 33 21.49 22.45 -2.37
CA ALA B 33 22.73 23.21 -2.42
C ALA B 33 22.47 24.51 -3.18
N LYS B 34 23.39 25.46 -3.04
CA LYS B 34 23.26 26.77 -3.69
C LYS B 34 22.91 26.61 -5.17
N VAL B 35 23.69 25.80 -5.87
CA VAL B 35 23.35 25.37 -7.23
C VAL B 35 23.09 23.88 -7.21
N HIS B 36 21.91 23.48 -7.66
CA HIS B 36 21.52 22.08 -7.74
C HIS B 36 20.90 21.78 -9.10
N ALA B 37 21.67 21.11 -9.96
CA ALA B 37 21.19 20.72 -11.29
C ALA B 37 21.03 19.21 -11.40
N LEU B 38 20.22 18.80 -12.37
CA LEU B 38 20.01 17.39 -12.68
C LEU B 38 20.39 17.16 -14.14
N VAL B 39 21.14 16.08 -14.41
CA VAL B 39 21.49 15.70 -15.76
C VAL B 39 20.81 14.38 -16.09
N ILE B 40 20.01 14.37 -17.16
CA ILE B 40 19.27 13.16 -17.53
C ILE B 40 19.43 12.80 -19.00
N PRO B 41 19.49 11.49 -19.29
CA PRO B 41 19.47 11.04 -20.67
C PRO B 41 18.05 11.12 -21.22
N LYS B 42 17.90 11.61 -22.44
CA LYS B 42 16.58 11.67 -23.08
C LYS B 42 16.04 10.27 -23.34
N GLN B 43 16.95 9.33 -23.59
CA GLN B 43 16.61 7.93 -23.76
C GLN B 43 16.00 7.38 -22.46
N SER B 44 15.06 6.46 -22.61
CA SER B 44 14.35 5.91 -21.47
C SER B 44 15.21 4.88 -20.76
N ILE B 45 15.91 5.31 -19.72
CA ILE B 45 16.66 4.36 -18.86
C ILE B 45 16.51 4.71 -17.38
N GLN B 46 16.39 3.66 -16.57
CA GLN B 46 15.86 3.78 -15.21
C GLN B 46 16.88 4.21 -14.18
N ASP B 47 18.10 3.70 -14.31
CA ASP B 47 19.17 3.98 -13.35
C ASP B 47 20.54 3.76 -13.96
N PHE B 48 21.58 3.93 -13.15
CA PHE B 48 22.96 3.83 -13.65
C PHE B 48 23.27 2.44 -14.19
N ASN B 49 22.74 1.41 -13.55
CA ASN B 49 22.92 0.04 -14.04
C ASN B 49 22.54 -0.17 -15.51
N GLY B 50 21.57 0.60 -15.99
CA GLY B 50 21.05 0.45 -17.35
C GLY B 50 21.58 1.44 -18.38
N ILE B 51 22.74 2.04 -18.12
CA ILE B 51 23.40 2.93 -19.13
C ILE B 51 24.60 2.20 -19.71
N THR B 52 24.81 2.35 -21.02
CA THR B 52 25.94 1.70 -21.70
C THR B 52 27.18 2.55 -21.46
N PRO B 53 28.37 1.93 -21.50
CA PRO B 53 29.55 2.76 -21.33
C PRO B 53 29.68 3.88 -22.37
N GLU B 54 29.46 3.55 -23.64
CA GLU B 54 29.46 4.51 -24.78
C GLU B 54 28.66 5.78 -24.51
N LEU B 55 27.54 5.64 -23.82
CA LEU B 55 26.62 6.75 -23.58
C LEU B 55 27.07 7.55 -22.36
N MET B 56 27.71 6.87 -21.41
CA MET B 56 28.21 7.52 -20.22
C MET B 56 29.45 8.33 -20.54
N ALA B 57 30.16 7.94 -21.59
CA ALA B 57 31.24 8.75 -22.14
C ALA B 57 30.69 10.08 -22.61
N GLN B 58 29.59 10.02 -23.36
CA GLN B 58 28.97 11.21 -23.93
C GLN B 58 28.30 12.07 -22.85
N MET B 59 27.83 11.42 -21.79
CA MET B 59 27.24 12.13 -20.65
C MET B 59 28.32 12.86 -19.86
N THR B 60 29.48 12.22 -19.70
CA THR B 60 30.61 12.82 -19.01
C THR B 60 31.01 14.12 -19.71
N SER B 61 31.04 14.06 -21.04
CA SER B 61 31.29 15.22 -21.86
C SER B 61 30.22 16.30 -21.63
N PHE B 62 28.96 15.87 -21.59
CA PHE B 62 27.83 16.76 -21.34
C PHE B 62 27.88 17.37 -19.94
N ILE B 63 28.32 16.58 -18.96
CA ILE B 63 28.42 17.06 -17.58
C ILE B 63 29.43 18.20 -17.47
N PHE B 64 30.56 18.06 -18.17
CA PHE B 64 31.56 19.12 -18.20
C PHE B 64 30.97 20.41 -18.77
N GLU B 65 30.11 20.29 -19.77
CA GLU B 65 29.45 21.44 -20.36
C GLU B 65 28.49 22.12 -19.38
N VAL B 66 27.81 21.34 -18.56
CA VAL B 66 26.83 21.88 -17.62
C VAL B 66 27.54 22.66 -16.51
N VAL B 67 28.47 22.01 -15.82
CA VAL B 67 29.20 22.64 -14.72
C VAL B 67 29.95 23.90 -15.15
N GLU B 68 30.36 23.95 -16.42
CA GLU B 68 31.05 25.11 -16.94
C GLU B 68 30.06 26.22 -17.23
N LYS B 69 28.88 25.86 -17.77
CA LYS B 69 27.80 26.82 -17.92
C LYS B 69 27.35 27.38 -16.58
N LEU B 70 27.24 26.52 -15.58
CA LEU B 70 26.84 26.99 -14.25
C LEU B 70 27.96 27.74 -13.52
N GLY B 71 29.20 27.63 -14.00
CA GLY B 71 30.31 28.38 -13.41
C GLY B 71 30.78 27.81 -12.08
N ILE B 72 30.49 26.54 -11.85
CA ILE B 72 30.92 25.83 -10.64
C ILE B 72 32.02 24.81 -10.93
N LYS B 73 32.42 24.71 -12.21
CA LYS B 73 33.43 23.74 -12.61
C LYS B 73 34.69 23.86 -11.76
N GLU B 74 35.13 25.09 -11.55
CA GLU B 74 36.38 25.37 -10.84
C GLU B 74 36.18 25.72 -9.37
N LYS B 75 34.98 26.12 -9.00
CA LYS B 75 34.65 26.38 -7.60
C LYS B 75 34.53 25.08 -6.82
N GLY B 76 33.97 24.05 -7.46
CA GLY B 76 33.81 22.74 -6.83
C GLY B 76 32.37 22.28 -6.85
N TYR B 77 32.18 20.98 -7.09
CA TYR B 77 30.85 20.41 -7.15
C TYR B 77 30.85 18.91 -6.82
N LYS B 78 29.68 18.40 -6.45
CA LYS B 78 29.48 16.98 -6.17
C LYS B 78 28.75 16.34 -7.32
N LEU B 79 29.12 15.11 -7.63
CA LEU B 79 28.42 14.31 -8.63
C LEU B 79 27.84 13.09 -7.93
N LEU B 80 26.52 12.91 -8.07
CA LEU B 80 25.82 11.84 -7.36
C LEU B 80 24.73 11.24 -8.23
N THR B 81 24.61 9.92 -8.19
CA THR B 81 23.43 9.25 -8.74
C THR B 81 23.04 8.09 -7.83
N ASN B 82 21.74 7.97 -7.57
CA ASN B 82 21.21 6.90 -6.72
C ASN B 82 20.68 5.76 -7.59
N VAL B 83 21.15 4.55 -7.34
CA VAL B 83 20.74 3.39 -8.11
C VAL B 83 19.79 2.54 -7.26
N GLY B 84 18.50 2.65 -7.55
CA GLY B 84 17.48 1.88 -6.85
C GLY B 84 16.86 2.60 -5.66
N LYS B 85 15.64 2.21 -5.31
CA LYS B 85 14.95 2.82 -4.20
C LYS B 85 15.67 2.68 -2.86
N ASN B 86 16.40 1.58 -2.69
CA ASN B 86 17.12 1.32 -1.44
C ASN B 86 18.34 2.22 -1.24
N ALA B 87 18.79 2.85 -2.31
CA ALA B 87 19.86 3.85 -2.24
C ALA B 87 19.31 5.27 -2.30
N GLY B 88 17.99 5.42 -2.15
CA GLY B 88 17.35 6.72 -2.07
C GLY B 88 16.78 7.27 -3.36
N GLN B 89 16.77 6.48 -4.43
CA GLN B 89 16.22 6.93 -5.70
C GLN B 89 14.69 7.05 -5.60
N GLU B 90 14.17 8.22 -5.94
CA GLU B 90 12.74 8.51 -5.83
C GLU B 90 12.06 8.55 -7.20
N VAL B 91 12.69 9.22 -8.16
CA VAL B 91 12.23 9.23 -9.54
C VAL B 91 12.99 8.15 -10.31
N MET B 92 12.26 7.28 -10.99
CA MET B 92 12.87 6.13 -11.66
C MET B 92 13.24 6.42 -13.11
N HIS B 93 14.13 7.38 -13.28
CA HIS B 93 14.78 7.67 -14.57
C HIS B 93 16.18 8.06 -14.17
N LEU B 94 17.17 7.51 -14.90
CA LEU B 94 18.56 7.78 -14.59
C LEU B 94 18.79 9.28 -14.50
N HIS B 95 19.38 9.73 -13.41
CA HIS B 95 19.73 11.12 -13.26
C HIS B 95 20.91 11.30 -12.34
N PHE B 96 21.77 12.27 -12.68
CA PHE B 96 22.89 12.65 -11.85
C PHE B 96 22.60 14.00 -11.20
N HIS B 97 22.77 14.06 -9.88
CA HIS B 97 22.70 15.31 -9.14
C HIS B 97 24.03 16.02 -9.27
N ILE B 98 23.98 17.31 -9.58
CA ILE B 98 25.15 18.16 -9.53
C ILE B 98 24.91 19.20 -8.45
N LEU B 99 25.66 19.14 -7.37
CA LEU B 99 25.60 20.17 -6.37
C LEU B 99 26.91 20.91 -6.15
N SER B 100 26.81 22.19 -5.89
CA SER B 100 27.84 23.07 -5.42
C SER B 100 27.50 24.23 -4.51
N GLY B 101 28.36 24.51 -3.55
CA GLY B 101 28.16 25.57 -2.58
C GLY B 101 29.04 25.50 -1.35
N MET C 1 -34.46 -21.35 30.99
CA MET C 1 -34.94 -22.16 29.81
C MET C 1 -34.09 -22.05 28.49
N ASN C 2 -33.24 -21.03 28.43
CA ASN C 2 -32.37 -20.86 27.26
C ASN C 2 -31.07 -20.11 27.66
N VAL C 3 -30.07 -20.12 26.78
CA VAL C 3 -28.72 -19.67 27.17
C VAL C 3 -28.65 -18.22 27.66
N PHE C 4 -29.37 -17.30 27.01
CA PHE C 4 -29.38 -15.90 27.45
C PHE C 4 -30.22 -15.69 28.70
N GLU C 5 -31.28 -16.48 28.84
CA GLU C 5 -32.11 -16.44 30.06
C GLU C 5 -31.28 -16.89 31.27
N LYS C 6 -30.43 -17.89 31.06
CA LYS C 6 -29.52 -18.38 32.09
C LYS C 6 -28.54 -17.30 32.53
N ILE C 7 -28.05 -16.53 31.57
CA ILE C 7 -27.16 -15.40 31.86
C ILE C 7 -27.91 -14.35 32.70
N ILE C 8 -29.13 -14.04 32.30
CA ILE C 8 -29.97 -13.06 33.02
C ILE C 8 -30.22 -13.49 34.46
N GLN C 9 -30.45 -14.79 34.66
CA GLN C 9 -30.77 -15.33 35.97
C GLN C 9 -29.51 -15.62 36.75
N GLY C 10 -28.36 -15.47 36.11
CA GLY C 10 -27.07 -15.60 36.75
C GLY C 10 -26.59 -17.03 36.92
N GLU C 11 -27.20 -17.95 36.20
CA GLU C 11 -26.82 -19.37 36.22
C GLU C 11 -25.48 -19.61 35.55
N ILE C 12 -25.24 -18.89 34.45
CA ILE C 12 -23.96 -19.01 33.73
C ILE C 12 -23.28 -17.65 33.63
N PRO C 13 -21.94 -17.63 33.76
CA PRO C 13 -21.20 -16.36 33.73
C PRO C 13 -21.21 -15.73 32.35
N CYS C 14 -20.74 -14.49 32.29
CA CYS C 14 -20.53 -13.79 31.02
C CYS C 14 -19.54 -12.65 31.22
N SER C 15 -19.10 -12.07 30.11
CA SER C 15 -18.24 -10.89 30.14
C SER C 15 -19.10 -9.66 30.01
N LYS C 16 -19.69 -9.24 31.12
CA LYS C 16 -20.61 -8.13 31.15
C LYS C 16 -19.94 -6.80 30.77
N ILE C 17 -20.52 -6.13 29.77
CA ILE C 17 -20.01 -4.85 29.29
C ILE C 17 -20.70 -3.73 30.05
N LEU C 18 -22.03 -3.75 30.03
CA LEU C 18 -22.85 -2.77 30.75
C LEU C 18 -24.14 -3.44 31.17
N GLU C 19 -24.74 -2.94 32.24
CA GLU C 19 -26.01 -3.44 32.73
C GLU C 19 -26.84 -2.34 33.36
N ASN C 20 -28.15 -2.51 33.31
CA ASN C 20 -29.05 -1.60 34.00
C ASN C 20 -30.35 -2.35 34.33
N GLU C 21 -31.31 -1.66 34.91
CA GLU C 21 -32.51 -2.32 35.45
C GLU C 21 -33.31 -3.11 34.42
N ARG C 22 -33.29 -2.69 33.16
CA ARG C 22 -34.06 -3.33 32.08
C ARG C 22 -33.23 -4.06 31.03
N PHE C 23 -31.93 -3.76 30.93
CA PHE C 23 -31.09 -4.33 29.87
C PHE C 23 -29.74 -4.82 30.38
N LEU C 24 -29.11 -5.65 29.55
CA LEU C 24 -27.80 -6.20 29.86
C LEU C 24 -27.02 -6.39 28.58
N SER C 25 -25.74 -6.04 28.60
CA SER C 25 -24.86 -6.24 27.45
C SER C 25 -23.64 -7.06 27.85
N PHE C 26 -23.16 -7.86 26.92
CA PHE C 26 -21.98 -8.69 27.15
C PHE C 26 -21.36 -9.15 25.82
N TYR C 27 -20.11 -9.59 25.89
CA TYR C 27 -19.38 -10.03 24.71
C TYR C 27 -19.89 -11.38 24.21
N ASP C 28 -19.90 -11.53 22.88
CA ASP C 28 -20.24 -12.79 22.24
C ASP C 28 -19.04 -13.72 22.34
N ILE C 29 -19.30 -14.97 22.73
CA ILE C 29 -18.22 -15.96 22.92
C ILE C 29 -17.63 -16.49 21.61
N ASN C 30 -18.37 -16.34 20.50
CA ASN C 30 -17.85 -16.60 19.15
C ASN C 30 -17.90 -15.34 18.33
N PRO C 31 -16.94 -14.42 18.54
CA PRO C 31 -16.93 -13.14 17.84
C PRO C 31 -16.86 -13.27 16.31
N LYS C 32 -17.54 -12.35 15.62
CA LYS C 32 -17.55 -12.28 14.17
C LYS C 32 -16.95 -10.95 13.72
N ALA C 33 -16.43 -10.19 14.69
CA ALA C 33 -15.79 -8.91 14.42
C ALA C 33 -14.84 -8.62 15.59
N LYS C 34 -13.93 -7.68 15.38
CA LYS C 34 -12.97 -7.41 16.46
C LYS C 34 -13.64 -7.12 17.77
N VAL C 35 -14.66 -6.26 17.77
CA VAL C 35 -15.53 -6.11 18.93
C VAL C 35 -16.91 -6.61 18.55
N HIS C 36 -17.39 -7.58 19.31
CA HIS C 36 -18.71 -8.15 19.11
C HIS C 36 -19.44 -8.24 20.44
N ALA C 37 -20.42 -7.35 20.63
CA ALA C 37 -21.24 -7.34 21.83
C ALA C 37 -22.68 -7.72 21.53
N LEU C 38 -23.39 -8.14 22.56
CA LEU C 38 -24.81 -8.49 22.47
C LEU C 38 -25.57 -7.63 23.47
N VAL C 39 -26.68 -7.06 23.05
CA VAL C 39 -27.55 -6.28 23.94
C VAL C 39 -28.87 -7.01 24.09
N ILE C 40 -29.24 -7.33 25.33
CA ILE C 40 -30.47 -8.08 25.59
C ILE C 40 -31.34 -7.42 26.65
N PRO C 41 -32.67 -7.49 26.46
CA PRO C 41 -33.59 -7.08 27.51
C PRO C 41 -33.65 -8.13 28.60
N LYS C 42 -33.63 -7.71 29.86
CA LYS C 42 -33.77 -8.64 30.99
C LYS C 42 -35.16 -9.30 31.01
N GLN C 43 -36.15 -8.55 30.54
CA GLN C 43 -37.50 -9.07 30.37
C GLN C 43 -37.50 -10.23 29.37
N SER C 44 -38.37 -11.20 29.60
CA SER C 44 -38.44 -12.40 28.75
C SER C 44 -39.16 -12.12 27.45
N ILE C 45 -38.40 -11.81 26.42
CA ILE C 45 -38.93 -11.51 25.12
C ILE C 45 -38.15 -12.23 24.04
N GLN C 46 -38.85 -12.83 23.07
CA GLN C 46 -38.25 -13.81 22.16
C GLN C 46 -37.53 -13.20 20.95
N ASP C 47 -38.09 -12.14 20.38
CA ASP C 47 -37.52 -11.50 19.20
C ASP C 47 -38.00 -10.05 19.08
N PHE C 48 -37.59 -9.37 18.01
CA PHE C 48 -37.91 -7.96 17.82
C PHE C 48 -39.41 -7.70 17.67
N ASN C 49 -40.06 -8.62 16.97
CA ASN C 49 -41.37 -8.60 16.40
C ASN C 49 -42.31 -9.56 17.08
N GLY C 50 -43.21 -9.10 17.89
CA GLY C 50 -43.85 -7.83 17.74
C GLY C 50 -43.62 -6.89 18.88
N ILE C 51 -42.55 -7.16 19.63
CA ILE C 51 -42.54 -6.88 21.07
C ILE C 51 -41.52 -5.83 21.58
N THR C 52 -41.70 -4.67 21.04
CA THR C 52 -40.90 -3.56 21.57
C THR C 52 -41.14 -2.24 20.87
N PRO C 53 -41.83 -1.30 21.55
CA PRO C 53 -41.86 0.12 21.33
C PRO C 53 -41.32 1.32 22.07
N GLU C 54 -41.51 1.38 23.36
CA GLU C 54 -41.07 2.61 24.02
C GLU C 54 -40.24 1.74 25.04
N LEU C 55 -39.96 0.45 24.79
CA LEU C 55 -38.92 -0.29 25.56
C LEU C 55 -37.74 -0.23 24.60
N MET C 56 -38.04 -0.15 23.31
CA MET C 56 -37.02 -0.03 22.29
C MET C 56 -36.44 1.39 22.27
N ALA C 57 -37.22 2.36 22.74
CA ALA C 57 -36.70 3.70 23.01
C ALA C 57 -35.62 3.64 24.07
N GLN C 58 -35.90 2.93 25.15
CA GLN C 58 -34.97 2.79 26.27
C GLN C 58 -33.76 1.93 25.91
N MET C 59 -33.97 0.96 25.02
CA MET C 59 -32.88 0.14 24.50
C MET C 59 -31.94 0.93 23.60
N THR C 60 -32.52 1.80 22.77
CA THR C 60 -31.75 2.68 21.89
C THR C 60 -30.81 3.56 22.73
N SER C 61 -31.35 4.09 23.82
CA SER C 61 -30.58 4.85 24.79
C SER C 61 -29.46 4.00 25.38
N PHE C 62 -29.80 2.76 25.75
CA PHE C 62 -28.83 1.81 26.29
C PHE C 62 -27.76 1.42 25.27
N ILE C 63 -28.14 1.29 24.01
CA ILE C 63 -27.21 0.95 22.94
C ILE C 63 -26.15 2.02 22.76
N PHE C 64 -26.56 3.28 22.84
CA PHE C 64 -25.61 4.40 22.77
C PHE C 64 -24.60 4.33 23.91
N GLU C 65 -25.05 3.91 25.09
CA GLU C 65 -24.17 3.76 26.23
C GLU C 65 -23.14 2.65 26.03
N VAL C 66 -23.55 1.57 25.38
CA VAL C 66 -22.67 0.42 25.16
C VAL C 66 -21.57 0.78 24.18
N VAL C 67 -21.96 1.23 23.00
CA VAL C 67 -21.00 1.58 21.94
C VAL C 67 -20.01 2.64 22.38
N GLU C 68 -20.44 3.52 23.28
CA GLU C 68 -19.54 4.57 23.76
C GLU C 68 -18.60 3.98 24.81
N LYS C 69 -19.09 3.08 25.66
CA LYS C 69 -18.22 2.33 26.58
C LYS C 69 -17.21 1.48 25.83
N LEU C 70 -17.65 0.82 24.77
CA LEU C 70 -16.74 0.09 23.93
C LEU C 70 -16.10 1.20 23.10
N GLY C 71 -15.04 0.80 22.44
CA GLY C 71 -14.33 1.64 21.59
C GLY C 71 -15.01 2.48 20.51
N ILE C 72 -16.28 2.19 20.17
CA ILE C 72 -16.61 2.13 18.76
C ILE C 72 -17.71 3.06 18.22
N LYS C 73 -18.27 3.89 19.09
CA LYS C 73 -19.36 4.79 18.70
C LYS C 73 -19.00 5.62 17.47
N GLU C 74 -17.78 6.17 17.49
CA GLU C 74 -17.31 7.09 16.45
C GLU C 74 -16.45 6.41 15.39
N LYS C 75 -15.90 5.24 15.72
CA LYS C 75 -15.15 4.46 14.74
C LYS C 75 -16.07 3.80 13.73
N GLY C 76 -17.23 3.35 14.19
CA GLY C 76 -18.23 2.74 13.32
C GLY C 76 -18.61 1.35 13.80
N TYR C 77 -19.90 1.03 13.67
CA TYR C 77 -20.41 -0.26 14.11
C TYR C 77 -21.67 -0.66 13.35
N LYS C 78 -21.97 -1.96 13.38
CA LYS C 78 -23.17 -2.51 12.78
C LYS C 78 -24.17 -2.84 13.88
N LEU C 79 -25.45 -2.61 13.60
CA LEU C 79 -26.53 -3.01 14.49
C LEU C 79 -27.38 -4.05 13.77
N LEU C 80 -27.55 -5.22 14.38
CA LEU C 80 -28.26 -6.33 13.75
C LEU C 80 -29.10 -7.09 14.77
N THR C 81 -30.32 -7.46 14.37
CA THR C 81 -31.10 -8.43 15.13
C THR C 81 -31.85 -9.36 14.16
N ASN C 82 -31.82 -10.66 14.45
CA ASN C 82 -32.50 -11.65 13.63
C ASN C 82 -33.84 -12.01 14.25
N VAL C 83 -34.88 -11.91 13.44
CA VAL C 83 -36.23 -12.18 13.90
C VAL C 83 -36.69 -13.53 13.33
N GLY C 84 -36.65 -14.57 14.16
CA GLY C 84 -37.10 -15.90 13.78
C GLY C 84 -35.98 -16.77 13.24
N LYS C 85 -36.18 -18.08 13.34
CA LYS C 85 -35.19 -19.06 12.91
C LYS C 85 -34.90 -18.97 11.41
N ASN C 86 -35.89 -18.56 10.62
CA ASN C 86 -35.72 -18.40 9.17
C ASN C 86 -34.84 -17.22 8.75
N ALA C 87 -34.63 -16.27 9.65
CA ALA C 87 -33.70 -15.17 9.44
C ALA C 87 -32.38 -15.38 10.18
N GLY C 88 -32.16 -16.61 10.67
CA GLY C 88 -30.88 -16.99 11.26
C GLY C 88 -30.79 -16.90 12.77
N GLN C 89 -31.91 -16.64 13.43
CA GLN C 89 -31.92 -16.57 14.89
C GLN C 89 -31.72 -17.97 15.49
N GLU C 90 -30.73 -18.09 16.37
CA GLU C 90 -30.36 -19.37 16.97
C GLU C 90 -30.78 -19.44 18.43
N VAL C 91 -30.54 -18.37 19.19
CA VAL C 91 -31.00 -18.26 20.57
C VAL C 91 -32.31 -17.48 20.56
N MET C 92 -33.35 -18.04 21.18
CA MET C 92 -34.69 -17.45 21.13
C MET C 92 -34.95 -16.50 22.29
N HIS C 93 -34.15 -15.45 22.36
CA HIS C 93 -34.34 -14.33 23.26
C HIS C 93 -33.89 -13.12 22.46
N LEU C 94 -34.68 -12.05 22.49
CA LEU C 94 -34.38 -10.84 21.71
C LEU C 94 -32.97 -10.39 22.02
N HIS C 95 -32.18 -10.20 20.96
CA HIS C 95 -30.85 -9.68 21.13
C HIS C 95 -30.38 -8.94 19.89
N PHE C 96 -29.65 -7.86 20.13
CA PHE C 96 -29.03 -7.09 19.07
C PHE C 96 -27.53 -7.36 19.05
N HIS C 97 -27.01 -7.70 17.87
CA HIS C 97 -25.57 -7.81 17.68
C HIS C 97 -25.01 -6.42 17.44
N ILE C 98 -23.92 -6.10 18.14
CA ILE C 98 -23.13 -4.91 17.85
C ILE C 98 -21.77 -5.36 17.37
N LEU C 99 -21.54 -5.20 16.07
CA LEU C 99 -20.25 -5.55 15.46
C LEU C 99 -19.52 -4.28 15.11
N SER C 100 -18.20 -4.38 15.06
CA SER C 100 -17.34 -3.21 14.93
C SER C 100 -16.10 -3.69 14.21
N GLY C 101 -15.91 -3.27 12.96
CA GLY C 101 -14.83 -3.82 12.12
C GLY C 101 -14.52 -3.00 10.89
N MET D 1 -29.42 16.75 -1.35
CA MET D 1 -28.01 16.54 -1.88
C MET D 1 -27.54 15.05 -2.03
N ASN D 2 -28.22 14.16 -1.34
CA ASN D 2 -27.81 12.78 -1.18
C ASN D 2 -28.95 11.92 -1.66
N VAL D 3 -28.68 10.67 -2.05
CA VAL D 3 -29.68 9.88 -2.76
C VAL D 3 -31.01 9.68 -2.02
N PHE D 4 -30.95 9.38 -0.72
CA PHE D 4 -32.18 9.19 0.07
C PHE D 4 -32.87 10.52 0.37
N GLU D 5 -32.08 11.58 0.53
CA GLU D 5 -32.65 12.93 0.72
C GLU D 5 -33.43 13.35 -0.53
N LYS D 6 -32.89 13.00 -1.69
CA LYS D 6 -33.57 13.27 -2.96
C LYS D 6 -34.91 12.55 -3.05
N ILE D 7 -34.95 11.31 -2.56
CA ILE D 7 -36.19 10.53 -2.52
C ILE D 7 -37.21 11.20 -1.62
N ILE D 8 -36.75 11.64 -0.45
CA ILE D 8 -37.60 12.33 0.53
C ILE D 8 -38.20 13.61 -0.05
N GLN D 9 -37.39 14.34 -0.81
CA GLN D 9 -37.79 15.61 -1.37
C GLN D 9 -38.52 15.43 -2.69
N GLY D 10 -38.58 14.19 -3.16
CA GLY D 10 -39.35 13.82 -4.33
C GLY D 10 -38.67 14.13 -5.65
N GLU D 11 -37.36 14.35 -5.60
CA GLU D 11 -36.55 14.60 -6.80
C GLU D 11 -36.38 13.33 -7.63
N ILE D 12 -36.24 12.19 -6.96
CA ILE D 12 -36.09 10.91 -7.63
C ILE D 12 -37.20 9.98 -7.22
N PRO D 13 -37.72 9.18 -8.18
CA PRO D 13 -38.75 8.21 -7.83
C PRO D 13 -38.24 7.07 -6.95
N CYS D 14 -39.17 6.28 -6.44
CA CYS D 14 -38.85 5.05 -5.73
C CYS D 14 -40.07 4.13 -5.70
N SER D 15 -39.87 2.89 -5.25
CA SER D 15 -40.97 1.95 -5.08
C SER D 15 -41.43 2.01 -3.62
N LYS D 16 -42.26 3.01 -3.31
CA LYS D 16 -42.74 3.27 -1.93
C LYS D 16 -43.57 2.09 -1.42
N ILE D 17 -43.16 1.54 -0.29
CA ILE D 17 -43.87 0.45 0.36
C ILE D 17 -44.91 1.04 1.30
N LEU D 18 -44.45 1.90 2.21
CA LEU D 18 -45.32 2.59 3.15
C LEU D 18 -44.73 3.96 3.46
N GLU D 19 -45.58 4.90 3.84
CA GLU D 19 -45.16 6.25 4.20
C GLU D 19 -46.05 6.84 5.28
N ASN D 20 -45.48 7.73 6.06
CA ASN D 20 -46.24 8.48 7.05
C ASN D 20 -45.54 9.80 7.32
N GLU D 21 -46.09 10.60 8.23
CA GLU D 21 -45.62 11.96 8.45
C GLU D 21 -44.12 12.06 8.80
N ARG D 22 -43.59 11.05 9.48
CA ARG D 22 -42.19 11.07 9.94
C ARG D 22 -41.27 10.06 9.26
N PHE D 23 -41.81 9.04 8.61
CA PHE D 23 -41.00 7.97 8.02
C PHE D 23 -41.44 7.60 6.61
N LEU D 24 -40.55 6.90 5.92
CA LEU D 24 -40.81 6.44 4.57
C LEU D 24 -40.08 5.13 4.34
N SER D 25 -40.75 4.18 3.69
CA SER D 25 -40.15 2.90 3.34
C SER D 25 -40.26 2.64 1.85
N PHE D 26 -39.25 1.96 1.30
CA PHE D 26 -39.21 1.63 -0.12
C PHE D 26 -38.25 0.50 -0.39
N TYR D 27 -38.41 -0.14 -1.55
CA TYR D 27 -37.56 -1.26 -1.95
C TYR D 27 -36.14 -0.82 -2.33
N ASP D 28 -35.16 -1.64 -1.97
CA ASP D 28 -33.77 -1.42 -2.36
C ASP D 28 -33.61 -1.84 -3.82
N ILE D 29 -32.95 -0.99 -4.61
CA ILE D 29 -32.77 -1.22 -6.05
C ILE D 29 -31.73 -2.31 -6.36
N ASN D 30 -30.86 -2.61 -5.39
CA ASN D 30 -29.95 -3.77 -5.47
C ASN D 30 -30.22 -4.73 -4.32
N PRO D 31 -31.29 -5.54 -4.43
CA PRO D 31 -31.69 -6.44 -3.36
C PRO D 31 -30.61 -7.46 -2.98
N LYS D 32 -30.55 -7.78 -1.70
CA LYS D 32 -29.63 -8.77 -1.14
C LYS D 32 -30.43 -9.92 -0.53
N ALA D 33 -31.75 -9.88 -0.69
CA ALA D 33 -32.66 -10.91 -0.22
C ALA D 33 -33.93 -10.86 -1.05
N LYS D 34 -34.72 -11.92 -0.97
CA LYS D 34 -35.97 -12.02 -1.74
C LYS D 34 -36.80 -10.75 -1.58
N VAL D 35 -37.03 -10.34 -0.34
CA VAL D 35 -37.60 -9.03 -0.05
C VAL D 35 -36.57 -8.20 0.68
N HIS D 36 -36.26 -7.03 0.11
CA HIS D 36 -35.31 -6.10 0.70
C HIS D 36 -35.89 -4.69 0.69
N ALA D 37 -36.30 -4.23 1.87
CA ALA D 37 -36.85 -2.88 2.03
C ALA D 37 -35.91 -2.00 2.85
N LEU D 38 -36.08 -0.69 2.71
CA LEU D 38 -35.34 0.30 3.47
C LEU D 38 -36.33 1.17 4.23
N VAL D 39 -36.07 1.44 5.51
CA VAL D 39 -36.89 2.34 6.31
C VAL D 39 -36.08 3.56 6.70
N ILE D 40 -36.62 4.74 6.38
CA ILE D 40 -35.90 5.98 6.55
C ILE D 40 -36.73 7.02 7.26
N PRO D 41 -36.09 7.80 8.16
CA PRO D 41 -36.77 8.97 8.70
C PRO D 41 -36.76 10.12 7.70
N LYS D 42 -37.89 10.81 7.56
CA LYS D 42 -37.97 11.97 6.66
C LYS D 42 -37.09 13.11 7.16
N GLN D 43 -36.95 13.20 8.48
CA GLN D 43 -36.06 14.16 9.10
C GLN D 43 -34.62 13.88 8.69
N SER D 44 -33.83 14.95 8.57
CA SER D 44 -32.46 14.85 8.11
C SER D 44 -31.56 14.36 9.24
N ILE D 45 -31.30 13.06 9.28
CA ILE D 45 -30.34 12.49 10.24
C ILE D 45 -29.48 11.42 9.59
N GLN D 46 -28.21 11.43 9.95
CA GLN D 46 -27.15 10.76 9.19
C GLN D 46 -27.02 9.27 9.49
N ASP D 47 -27.16 8.90 10.76
CA ASP D 47 -26.99 7.52 11.18
C ASP D 47 -27.71 7.26 12.50
N PHE D 48 -27.57 6.05 13.02
CA PHE D 48 -28.29 5.64 14.22
C PHE D 48 -27.88 6.47 15.44
N ASN D 49 -26.61 6.82 15.51
CA ASN D 49 -26.15 7.69 16.60
C ASN D 49 -26.93 8.99 16.76
N GLY D 50 -27.47 9.51 15.65
CA GLY D 50 -28.16 10.80 15.65
C GLY D 50 -29.68 10.73 15.68
N ILE D 51 -30.24 9.62 16.13
CA ILE D 51 -31.71 9.51 16.30
C ILE D 51 -32.03 9.57 17.78
N THR D 52 -33.11 10.26 18.14
CA THR D 52 -33.53 10.36 19.54
C THR D 52 -34.30 9.11 19.92
N PRO D 53 -34.31 8.76 21.21
CA PRO D 53 -35.07 7.56 21.56
C PRO D 53 -36.56 7.66 21.19
N GLU D 54 -37.19 8.81 21.51
CA GLU D 54 -38.60 9.13 21.19
C GLU D 54 -38.97 8.81 19.74
N LEU D 55 -38.04 9.05 18.82
CA LEU D 55 -38.29 8.88 17.39
C LEU D 55 -38.07 7.44 16.96
N MET D 56 -37.17 6.74 17.64
CA MET D 56 -36.90 5.34 17.37
C MET D 56 -38.05 4.46 17.90
N ALA D 57 -38.75 4.95 18.91
CA ALA D 57 -40.00 4.33 19.36
C ALA D 57 -41.02 4.35 18.23
N GLN D 58 -41.16 5.51 17.60
CA GLN D 58 -42.12 5.70 16.52
C GLN D 58 -41.69 4.96 15.25
N MET D 59 -40.38 4.81 15.05
CA MET D 59 -39.85 4.04 13.93
C MET D 59 -40.09 2.54 14.14
N THR D 60 -39.94 2.06 15.37
CA THR D 60 -40.22 0.65 15.67
C THR D 60 -41.65 0.32 15.33
N SER D 61 -42.54 1.22 15.70
CA SER D 61 -43.95 1.11 15.37
C SER D 61 -44.14 1.05 13.86
N PHE D 62 -43.44 1.93 13.16
CA PHE D 62 -43.48 1.99 11.70
C PHE D 62 -42.90 0.74 11.06
N ILE D 63 -41.84 0.20 11.66
CA ILE D 63 -41.20 -1.01 11.15
C ILE D 63 -42.16 -2.21 11.19
N PHE D 64 -42.92 -2.32 12.28
CA PHE D 64 -43.94 -3.37 12.40
C PHE D 64 -44.99 -3.25 11.29
N GLU D 65 -45.33 -2.03 10.93
CA GLU D 65 -46.28 -1.79 9.84
C GLU D 65 -45.73 -2.23 8.48
N VAL D 66 -44.43 -2.02 8.26
CA VAL D 66 -43.81 -2.35 6.99
C VAL D 66 -43.74 -3.87 6.82
N VAL D 67 -43.13 -4.55 7.77
CA VAL D 67 -42.98 -6.01 7.70
C VAL D 67 -44.32 -6.73 7.60
N GLU D 68 -45.37 -6.14 8.15
CA GLU D 68 -46.70 -6.71 8.08
C GLU D 68 -47.30 -6.48 6.69
N LYS D 69 -47.10 -5.28 6.14
CA LYS D 69 -47.46 -5.01 4.76
C LYS D 69 -46.73 -5.92 3.78
N LEU D 70 -45.44 -6.14 4.01
CA LEU D 70 -44.67 -7.03 3.14
C LEU D 70 -45.00 -8.51 3.37
N GLY D 71 -45.64 -8.84 4.48
CA GLY D 71 -46.05 -10.22 4.74
C GLY D 71 -44.91 -11.12 5.16
N ILE D 72 -43.84 -10.51 5.67
CA ILE D 72 -42.68 -11.25 6.17
C ILE D 72 -42.58 -11.20 7.69
N LYS D 73 -43.53 -10.52 8.34
CA LYS D 73 -43.53 -10.37 9.79
C LYS D 73 -43.40 -11.71 10.51
N GLU D 74 -44.19 -12.69 10.05
CA GLU D 74 -44.25 -14.00 10.69
C GLU D 74 -43.39 -15.06 9.98
N LYS D 75 -43.00 -14.80 8.73
CA LYS D 75 -42.05 -15.68 8.03
C LYS D 75 -40.63 -15.53 8.58
N GLY D 76 -40.25 -14.30 8.92
CA GLY D 76 -38.93 -14.02 9.47
C GLY D 76 -38.19 -12.97 8.66
N TYR D 77 -37.47 -12.09 9.35
CA TYR D 77 -36.72 -11.02 8.70
C TYR D 77 -35.55 -10.55 9.55
N LYS D 78 -34.60 -9.89 8.88
CA LYS D 78 -33.44 -9.30 9.54
C LYS D 78 -33.62 -7.80 9.62
N LEU D 79 -33.17 -7.21 10.74
CA LEU D 79 -33.15 -5.77 10.90
C LEU D 79 -31.69 -5.33 11.04
N LEU D 80 -31.25 -4.42 10.18
CA LEU D 80 -29.85 -3.99 10.13
C LEU D 80 -29.73 -2.50 9.85
N THR D 81 -28.82 -1.83 10.56
CA THR D 81 -28.42 -0.48 10.20
C THR D 81 -26.93 -0.34 10.41
N ASN D 82 -26.26 0.30 9.44
CA ASN D 82 -24.83 0.52 9.51
C ASN D 82 -24.55 1.94 9.98
N VAL D 83 -23.73 2.06 11.01
CA VAL D 83 -23.40 3.36 11.59
C VAL D 83 -21.97 3.74 11.19
N GLY D 84 -21.84 4.62 10.20
CA GLY D 84 -20.53 5.12 9.73
C GLY D 84 -19.95 4.34 8.56
N LYS D 85 -19.06 4.98 7.76
CA LYS D 85 -18.42 4.32 6.57
C LYS D 85 -17.62 3.09 6.96
N ASN D 86 -17.05 3.06 8.16
CA ASN D 86 -16.25 1.92 8.61
C ASN D 86 -17.06 0.66 8.95
N ALA D 87 -18.37 0.82 9.15
CA ALA D 87 -19.28 -0.30 9.35
C ALA D 87 -20.07 -0.60 8.07
N GLY D 88 -19.65 -0.03 6.95
CA GLY D 88 -20.23 -0.33 5.66
C GLY D 88 -21.34 0.59 5.19
N GLN D 89 -21.57 1.69 5.89
CA GLN D 89 -22.58 2.67 5.46
C GLN D 89 -22.11 3.40 4.21
N GLU D 90 -22.94 3.39 3.16
CA GLU D 90 -22.59 3.99 1.87
C GLU D 90 -23.38 5.27 1.61
N VAL D 91 -24.67 5.26 1.92
CA VAL D 91 -25.51 6.46 1.86
C VAL D 91 -25.58 7.04 3.27
N MET D 92 -25.30 8.33 3.39
CA MET D 92 -25.22 8.98 4.70
C MET D 92 -26.54 9.61 5.12
N HIS D 93 -27.54 8.76 5.25
CA HIS D 93 -28.82 9.12 5.84
C HIS D 93 -29.26 7.88 6.59
N LEU D 94 -29.73 8.05 7.82
CA LEU D 94 -30.12 6.92 8.65
C LEU D 94 -31.09 6.03 7.89
N HIS D 95 -30.77 4.75 7.82
CA HIS D 95 -31.68 3.79 7.21
C HIS D 95 -31.50 2.40 7.79
N PHE D 96 -32.61 1.71 7.93
CA PHE D 96 -32.63 0.32 8.37
C PHE D 96 -32.93 -0.58 7.19
N HIS D 97 -32.09 -1.60 7.01
CA HIS D 97 -32.35 -2.64 6.03
C HIS D 97 -33.32 -3.64 6.64
N ILE D 98 -34.34 -4.01 5.89
CA ILE D 98 -35.21 -5.13 6.25
C ILE D 98 -35.04 -6.20 5.20
N LEU D 99 -34.37 -7.28 5.58
CA LEU D 99 -34.14 -8.40 4.68
C LEU D 99 -34.98 -9.59 5.14
N SER D 100 -35.24 -10.50 4.20
CA SER D 100 -36.12 -11.63 4.42
C SER D 100 -35.40 -12.95 4.18
N GLY D 101 -35.94 -14.03 4.75
CA GLY D 101 -35.36 -15.38 4.73
C GLY D 101 -35.45 -16.02 3.36
N ASP D 102 -35.43 -17.36 3.30
CA ASP D 102 -35.37 -18.28 4.46
C ASP D 102 -34.54 -19.54 4.13
N VAL E 3 4.26 -31.19 -26.51
CA VAL E 3 4.99 -30.85 -25.32
C VAL E 3 6.39 -30.49 -25.66
N PHE E 4 7.13 -30.16 -24.62
CA PHE E 4 8.55 -30.11 -24.67
C PHE E 4 8.90 -30.78 -23.42
N GLU E 5 8.70 -32.09 -23.48
CA GLU E 5 9.32 -33.07 -22.64
C GLU E 5 10.30 -33.63 -23.64
N LYS E 6 9.96 -33.38 -24.89
CA LYS E 6 10.65 -33.89 -26.06
C LYS E 6 11.58 -32.83 -26.61
N ILE E 7 12.18 -32.10 -25.69
CA ILE E 7 13.07 -31.02 -25.99
C ILE E 7 13.90 -31.14 -24.77
N ILE E 8 13.21 -31.20 -23.67
CA ILE E 8 13.83 -31.58 -22.47
C ILE E 8 14.55 -32.83 -22.87
N GLN E 9 14.25 -33.32 -24.08
CA GLN E 9 14.74 -34.65 -24.53
C GLN E 9 15.40 -34.76 -25.90
N GLY E 10 14.60 -34.81 -26.94
CA GLY E 10 15.15 -34.96 -28.26
C GLY E 10 14.01 -34.27 -28.94
N GLU E 11 14.16 -34.10 -30.23
CA GLU E 11 13.11 -33.66 -31.12
C GLU E 11 12.79 -32.20 -31.20
N ILE E 12 13.81 -31.44 -30.81
CA ILE E 12 13.77 -30.01 -30.80
C ILE E 12 14.18 -29.46 -32.11
N PRO E 13 13.41 -28.51 -32.60
CA PRO E 13 13.91 -27.51 -33.52
C PRO E 13 14.37 -26.26 -32.79
N CYS E 14 14.42 -26.34 -31.47
CA CYS E 14 14.73 -25.20 -30.61
C CYS E 14 16.03 -24.44 -30.69
N SER E 15 16.01 -23.19 -30.21
CA SER E 15 17.17 -22.34 -30.07
C SER E 15 17.51 -22.20 -28.62
N LYS E 16 18.19 -23.15 -28.03
CA LYS E 16 18.45 -23.05 -26.62
C LYS E 16 19.09 -21.74 -26.38
N ILE E 17 18.91 -21.22 -25.17
CA ILE E 17 19.65 -20.05 -24.70
C ILE E 17 20.68 -20.47 -23.66
N LEU E 18 20.26 -21.18 -22.61
CA LEU E 18 21.18 -21.62 -21.55
C LEU E 18 20.63 -22.87 -20.87
N GLU E 19 21.53 -23.63 -20.23
CA GLU E 19 21.17 -24.91 -19.62
C GLU E 19 21.99 -25.20 -18.36
N ASN E 20 21.38 -25.95 -17.46
CA ASN E 20 22.08 -26.67 -16.40
C ASN E 20 21.38 -28.01 -16.19
N GLU E 21 21.78 -28.79 -15.20
CA GLU E 21 21.23 -30.15 -15.04
C GLU E 21 19.75 -30.15 -14.63
N ARG E 22 19.28 -29.08 -13.99
CA ARG E 22 17.91 -29.01 -13.46
C ARG E 22 16.91 -28.30 -14.38
N PHE E 23 17.37 -27.32 -15.15
CA PHE E 23 16.49 -26.58 -16.07
C PHE E 23 17.18 -26.15 -17.36
N LEU E 24 16.40 -25.53 -18.24
CA LEU E 24 16.86 -25.14 -19.56
C LEU E 24 15.93 -24.07 -20.12
N SER E 25 16.47 -23.19 -20.96
CA SER E 25 15.67 -22.13 -21.57
C SER E 25 15.89 -22.03 -23.07
N PHE E 26 14.92 -21.43 -23.74
CA PHE E 26 14.95 -21.28 -25.19
C PHE E 26 13.94 -20.21 -25.58
N TYR E 27 13.95 -19.82 -26.86
CA TYR E 27 13.01 -18.82 -27.34
C TYR E 27 11.67 -19.46 -27.67
N ASP E 28 10.57 -18.75 -27.39
CA ASP E 28 9.25 -19.18 -27.82
C ASP E 28 9.19 -19.05 -29.34
N ILE E 29 8.59 -20.05 -29.99
CA ILE E 29 8.53 -20.07 -31.45
C ILE E 29 7.53 -19.05 -32.00
N ASN E 30 6.60 -18.61 -31.15
CA ASN E 30 5.60 -17.61 -31.50
C ASN E 30 5.67 -16.43 -30.54
N PRO E 31 6.67 -15.54 -30.72
CA PRO E 31 6.93 -14.46 -29.76
C PRO E 31 5.86 -13.36 -29.75
N LYS E 32 5.09 -13.34 -28.67
CA LYS E 32 4.15 -12.24 -28.42
C LYS E 32 4.83 -11.03 -27.75
N ALA E 33 6.16 -10.96 -27.81
CA ALA E 33 6.92 -9.76 -27.42
C ALA E 33 8.24 -9.77 -28.17
N LYS E 34 9.01 -8.68 -28.06
CA LYS E 34 10.29 -8.57 -28.81
C LYS E 34 11.42 -9.59 -28.56
N VAL E 35 11.75 -9.84 -27.31
CA VAL E 35 12.62 -10.96 -26.99
C VAL E 35 11.60 -11.76 -26.18
N HIS E 36 11.56 -13.07 -26.41
CA HIS E 36 10.60 -13.95 -25.76
C HIS E 36 11.21 -15.32 -25.47
N ALA E 37 11.58 -15.54 -24.22
CA ALA E 37 12.17 -16.81 -23.79
C ALA E 37 11.19 -17.65 -22.98
N LEU E 38 11.61 -18.86 -22.66
CA LEU E 38 10.78 -19.81 -21.92
C LEU E 38 11.64 -20.62 -20.96
N VAL E 39 11.63 -20.26 -19.69
CA VAL E 39 12.37 -21.03 -18.69
C VAL E 39 11.56 -22.26 -18.30
N ILE E 40 12.23 -23.40 -18.17
CA ILE E 40 11.57 -24.71 -18.00
C ILE E 40 12.39 -25.66 -17.15
N PRO E 41 11.79 -26.28 -16.13
CA PRO E 41 12.48 -27.34 -15.40
C PRO E 41 12.52 -28.61 -16.23
N LYS E 42 13.69 -29.26 -16.28
CA LYS E 42 13.85 -30.49 -17.05
C LYS E 42 13.16 -31.66 -16.34
N GLN E 43 13.03 -31.54 -15.02
CA GLN E 43 12.16 -32.44 -14.26
C GLN E 43 10.72 -32.18 -14.68
N SER E 44 9.92 -33.24 -14.73
CA SER E 44 8.57 -33.14 -15.24
C SER E 44 7.59 -32.69 -14.16
N ILE E 45 7.28 -31.40 -14.20
CA ILE E 45 6.31 -30.75 -13.31
C ILE E 45 5.28 -30.05 -14.20
N GLN E 46 4.00 -30.35 -14.00
CA GLN E 46 2.94 -29.90 -14.91
C GLN E 46 2.79 -28.37 -14.94
N ASP E 47 2.88 -27.74 -13.78
CA ASP E 47 2.68 -26.29 -13.66
C ASP E 47 3.24 -25.79 -12.33
N PHE E 48 3.09 -24.49 -12.06
CA PHE E 48 3.70 -23.88 -10.89
C PHE E 48 3.31 -24.54 -9.56
N ASN E 49 2.12 -25.14 -9.50
CA ASN E 49 1.67 -25.82 -8.27
C ASN E 49 2.39 -27.14 -7.98
N GLY E 50 3.64 -27.27 -8.40
CA GLY E 50 4.40 -28.50 -8.16
C GLY E 50 5.87 -28.26 -7.90
N ILE E 51 6.20 -27.17 -7.23
CA ILE E 51 7.59 -26.86 -6.89
C ILE E 51 7.76 -26.73 -5.39
N THR E 52 9.01 -26.82 -4.92
CA THR E 52 9.38 -26.39 -3.56
C THR E 52 10.56 -25.39 -3.59
N PRO E 53 11.80 -25.85 -3.93
CA PRO E 53 12.77 -24.83 -4.27
C PRO E 53 12.83 -24.70 -5.79
N GLU E 54 12.09 -23.72 -6.32
CA GLU E 54 12.31 -23.26 -7.69
C GLU E 54 13.35 -22.16 -7.66
N LEU E 55 14.57 -22.52 -8.02
CA LEU E 55 15.65 -21.57 -8.11
C LEU E 55 16.67 -22.06 -9.14
N MET E 56 16.52 -21.76 -10.44
CA MET E 56 15.39 -21.06 -11.13
C MET E 56 15.33 -19.55 -10.90
N ALA E 57 16.41 -18.99 -10.38
CA ALA E 57 16.49 -17.56 -10.15
C ALA E 57 17.98 -17.31 -10.41
N LYS E 75 17.87 -3.37 -19.82
CA LYS E 75 17.10 -3.70 -18.63
C LYS E 75 15.65 -3.31 -18.82
N GLY E 76 14.76 -4.19 -18.37
CA GLY E 76 13.33 -4.00 -18.50
C GLY E 76 12.69 -5.25 -19.04
N TYR E 77 12.24 -6.13 -18.15
CA TYR E 77 11.64 -7.39 -18.58
C TYR E 77 10.47 -7.84 -17.72
N LYS E 78 9.67 -8.72 -18.29
CA LYS E 78 8.40 -9.15 -17.72
C LYS E 78 8.43 -10.66 -17.52
N LEU E 79 8.11 -11.12 -16.31
CA LEU E 79 8.15 -12.56 -15.98
C LEU E 79 6.73 -13.09 -15.74
N LEU E 80 6.36 -14.18 -16.42
CA LEU E 80 4.98 -14.65 -16.42
C LEU E 80 4.86 -16.18 -16.45
N THR E 81 4.03 -16.75 -15.58
CA THR E 81 3.64 -18.16 -15.70
C THR E 81 2.13 -18.33 -15.52
N ASN E 82 1.52 -19.11 -16.41
CA ASN E 82 0.10 -19.39 -16.37
C ASN E 82 -0.09 -20.76 -15.74
N VAL E 83 -0.82 -20.80 -14.64
CA VAL E 83 -1.14 -22.05 -13.96
C VAL E 83 -2.56 -22.44 -14.34
N GLY E 84 -2.68 -23.40 -15.24
CA GLY E 84 -3.97 -23.87 -15.70
C GLY E 84 -4.37 -23.33 -17.06
N LYS E 85 -4.88 -24.26 -17.88
CA LYS E 85 -5.65 -23.95 -19.07
C LYS E 85 -6.52 -22.70 -18.98
N ASN E 86 -7.22 -22.52 -17.86
CA ASN E 86 -8.07 -21.35 -17.66
C ASN E 86 -7.31 -20.02 -17.59
N ALA E 87 -6.06 -20.07 -17.16
CA ALA E 87 -5.21 -18.90 -17.06
C ALA E 87 -4.30 -18.72 -18.28
N GLY E 88 -4.49 -19.54 -19.30
CA GLY E 88 -3.76 -19.39 -20.56
C GLY E 88 -2.69 -20.43 -20.81
N GLN E 89 -2.60 -21.46 -19.97
CA GLN E 89 -1.61 -22.52 -20.17
C GLN E 89 -1.98 -23.36 -21.41
N GLU E 90 -1.01 -23.58 -22.28
CA GLU E 90 -1.22 -24.30 -23.53
C GLU E 90 -0.55 -25.66 -23.49
N VAL E 91 0.73 -25.66 -23.12
CA VAL E 91 1.48 -26.89 -22.88
C VAL E 91 1.47 -27.16 -21.38
N MET E 92 1.22 -28.41 -20.98
CA MET E 92 1.11 -28.76 -19.56
C MET E 92 2.44 -29.26 -18.97
N HIS E 93 3.50 -28.51 -19.25
CA HIS E 93 4.80 -28.66 -18.59
C HIS E 93 5.10 -27.27 -18.09
N LEU E 94 5.55 -27.16 -16.85
CA LEU E 94 5.77 -25.86 -16.21
C LEU E 94 6.67 -25.00 -17.07
N HIS E 95 6.26 -23.76 -17.32
CA HIS E 95 7.12 -22.80 -18.02
C HIS E 95 6.89 -21.36 -17.57
N PHE E 96 7.98 -20.61 -17.50
CA PHE E 96 7.96 -19.17 -17.25
C PHE E 96 8.30 -18.44 -18.55
N HIS E 97 7.41 -17.55 -18.98
CA HIS E 97 7.67 -16.68 -20.12
C HIS E 97 8.48 -15.48 -19.64
N ILE E 98 9.42 -15.03 -20.47
CA ILE E 98 10.17 -13.81 -20.20
C ILE E 98 10.07 -12.95 -21.45
N LEU E 99 9.70 -11.68 -21.26
CA LEU E 99 9.42 -10.76 -22.36
C LEU E 99 10.17 -9.45 -22.14
N SER E 100 10.42 -8.68 -23.21
CA SER E 100 11.35 -7.55 -23.15
C SER E 100 10.84 -6.18 -23.61
N GLY E 101 10.77 -5.23 -22.66
CA GLY E 101 10.77 -3.79 -22.94
C GLY E 101 9.81 -2.89 -23.70
N ASP E 102 8.50 -3.08 -23.48
CA ASP E 102 7.47 -2.27 -24.14
C ASP E 102 6.68 -1.20 -23.36
N MET F 1 7.88 5.72 1.86
CA MET F 1 7.52 6.86 0.92
C MET F 1 6.91 6.44 -0.41
N ASN F 2 6.71 5.15 -0.64
CA ASN F 2 6.16 4.61 -1.89
C ASN F 2 4.90 3.87 -1.49
N VAL F 3 3.95 3.69 -2.41
CA VAL F 3 2.60 3.25 -2.01
C VAL F 3 2.56 1.89 -1.29
N PHE F 4 3.31 0.91 -1.77
CA PHE F 4 3.35 -0.41 -1.12
C PHE F 4 4.15 -0.38 0.18
N GLU F 5 5.19 0.47 0.23
CA GLU F 5 5.96 0.64 1.46
C GLU F 5 5.08 1.24 2.56
N LYS F 6 4.20 2.17 2.16
CA LYS F 6 3.24 2.76 3.07
C LYS F 6 2.29 1.72 3.65
N ILE F 7 1.84 0.79 2.81
CA ILE F 7 0.98 -0.30 3.23
C ILE F 7 1.71 -1.16 4.26
N ILE F 8 2.97 -1.49 3.96
CA ILE F 8 3.81 -2.32 4.84
C ILE F 8 3.98 -1.67 6.21
N GLN F 9 4.16 -0.35 6.20
CA GLN F 9 4.41 0.39 7.42
C GLN F 9 3.12 0.78 8.12
N GLY F 10 2.00 0.49 7.46
CA GLY F 10 0.68 0.67 8.05
C GLY F 10 0.16 2.09 7.98
N GLU F 11 0.78 2.91 7.13
CA GLU F 11 0.36 4.29 6.92
C GLU F 11 -0.96 4.37 6.16
N ILE F 12 -1.15 3.48 5.18
CA ILE F 12 -2.39 3.45 4.42
C ILE F 12 -3.03 2.06 4.50
N PRO F 13 -4.37 2.02 4.59
CA PRO F 13 -5.06 0.74 4.70
C PRO F 13 -4.98 -0.11 3.43
N CYS F 14 -5.43 -1.35 3.53
CA CYS F 14 -5.57 -2.24 2.37
C CYS F 14 -6.53 -3.37 2.68
N SER F 15 -6.90 -4.13 1.66
CA SER F 15 -7.74 -5.33 1.84
C SER F 15 -6.83 -6.54 1.94
N LYS F 16 -6.29 -6.75 3.12
CA LYS F 16 -5.35 -7.81 3.37
C LYS F 16 -5.96 -9.21 3.17
N ILE F 17 -5.32 -10.01 2.33
CA ILE F 17 -5.75 -11.36 2.05
C ILE F 17 -5.06 -12.32 3.03
N LEU F 18 -3.74 -12.26 3.05
CA LEU F 18 -2.92 -13.07 3.95
C LEU F 18 -1.66 -12.30 4.32
N GLU F 19 -1.11 -12.62 5.49
CA GLU F 19 0.12 -11.98 5.95
C GLU F 19 0.96 -12.94 6.78
N ASN F 20 2.27 -12.73 6.76
CA ASN F 20 3.16 -13.47 7.62
C ASN F 20 4.41 -12.64 7.88
N GLU F 21 5.36 -13.19 8.61
CA GLU F 21 6.51 -12.42 9.08
C GLU F 21 7.33 -11.76 7.97
N ARG F 22 7.39 -12.39 6.80
CA ARG F 22 8.19 -11.88 5.67
C ARG F 22 7.39 -11.37 4.47
N PHE F 23 6.11 -11.73 4.36
CA PHE F 23 5.30 -11.37 3.19
C PHE F 23 3.94 -10.84 3.55
N LEU F 24 3.30 -10.19 2.58
CA LEU F 24 1.97 -9.64 2.75
C LEU F 24 1.24 -9.70 1.41
N SER F 25 -0.03 -10.08 1.44
CA SER F 25 -0.86 -10.10 0.25
C SER F 25 -2.12 -9.28 0.45
N PHE F 26 -2.59 -8.65 -0.63
CA PHE F 26 -3.80 -7.83 -0.59
C PHE F 26 -4.36 -7.62 -2.00
N TYR F 27 -5.64 -7.22 -2.05
CA TYR F 27 -6.32 -7.00 -3.33
C TYR F 27 -5.84 -5.74 -4.03
N ASP F 28 -5.77 -5.81 -5.35
CA ASP F 28 -5.44 -4.66 -6.18
C ASP F 28 -6.66 -3.77 -6.30
N ILE F 29 -6.47 -2.46 -6.12
CA ILE F 29 -7.57 -1.49 -6.13
C ILE F 29 -8.11 -1.19 -7.54
N ASN F 30 -7.32 -1.49 -8.57
CA ASN F 30 -7.78 -1.47 -9.98
C ASN F 30 -7.66 -2.87 -10.59
N PRO F 31 -8.62 -3.77 -10.26
CA PRO F 31 -8.54 -5.16 -10.73
C PRO F 31 -8.55 -5.30 -12.25
N LYS F 32 -7.82 -6.28 -12.75
CA LYS F 32 -7.73 -6.59 -14.17
C LYS F 32 -8.25 -7.99 -14.42
N ALA F 33 -8.79 -8.61 -13.37
CA ALA F 33 -9.37 -9.93 -13.44
C ALA F 33 -10.36 -10.08 -12.28
N LYS F 34 -11.22 -11.08 -12.36
CA LYS F 34 -12.24 -11.33 -11.34
C LYS F 34 -11.64 -11.29 -9.95
N VAL F 35 -10.58 -12.07 -9.76
CA VAL F 35 -9.77 -11.99 -8.56
C VAL F 35 -8.38 -11.49 -8.96
N HIS F 36 -7.97 -10.38 -8.35
CA HIS F 36 -6.66 -9.80 -8.58
C HIS F 36 -6.00 -9.47 -7.25
N ALA F 37 -5.00 -10.27 -6.88
CA ALA F 37 -4.24 -10.06 -5.64
C ALA F 37 -2.80 -9.66 -5.95
N LEU F 38 -2.15 -9.05 -4.95
CA LEU F 38 -0.76 -8.69 -5.04
C LEU F 38 -0.01 -9.35 -3.89
N VAL F 39 1.15 -9.94 -4.17
CA VAL F 39 2.00 -10.52 -3.12
C VAL F 39 3.31 -9.77 -3.03
N ILE F 40 3.62 -9.28 -1.83
CA ILE F 40 4.74 -8.40 -1.62
C ILE F 40 5.61 -8.86 -0.47
N PRO F 41 6.94 -8.73 -0.62
CA PRO F 41 7.83 -8.95 0.52
C PRO F 41 7.82 -7.72 1.44
N LYS F 42 7.77 -7.95 2.74
CA LYS F 42 7.81 -6.85 3.70
C LYS F 42 9.17 -6.16 3.67
N GLN F 43 10.21 -6.92 3.37
CA GLN F 43 11.55 -6.38 3.20
C GLN F 43 11.58 -5.42 2.03
N SER F 44 12.41 -4.40 2.14
CA SER F 44 12.50 -3.35 1.13
C SER F 44 13.29 -3.84 -0.06
N ILE F 45 12.59 -4.33 -1.09
CA ILE F 45 13.25 -4.68 -2.37
C ILE F 45 12.41 -4.26 -3.57
N GLN F 46 13.11 -3.77 -4.59
CA GLN F 46 12.50 -2.97 -5.65
C GLN F 46 11.84 -3.78 -6.74
N ASP F 47 12.47 -4.89 -7.12
CA ASP F 47 11.97 -5.73 -8.21
C ASP F 47 12.51 -7.16 -8.08
N PHE F 48 12.17 -8.00 -9.06
CA PHE F 48 12.56 -9.41 -9.01
C PHE F 48 14.07 -9.61 -9.03
N ASN F 49 14.78 -8.76 -9.77
CA ASN F 49 16.24 -8.82 -9.78
C ASN F 49 16.90 -8.76 -8.39
N GLY F 50 16.25 -8.08 -7.45
CA GLY F 50 16.81 -7.87 -6.12
C GLY F 50 16.27 -8.78 -5.03
N ILE F 51 15.71 -9.94 -5.39
CA ILE F 51 15.27 -10.94 -4.40
C ILE F 51 16.25 -12.10 -4.39
N THR F 52 16.58 -12.63 -3.22
CA THR F 52 17.52 -13.74 -3.06
C THR F 52 16.75 -15.04 -3.36
N PRO F 53 17.46 -16.09 -3.86
CA PRO F 53 16.71 -17.30 -4.11
C PRO F 53 16.01 -17.87 -2.87
N GLU F 54 16.73 -17.90 -1.74
CA GLU F 54 16.20 -18.33 -0.43
C GLU F 54 14.86 -17.72 -0.06
N LEU F 55 14.67 -16.45 -0.42
CA LEU F 55 13.46 -15.72 -0.07
C LEU F 55 12.34 -15.99 -1.06
N MET F 56 12.71 -16.26 -2.31
CA MET F 56 11.74 -16.58 -3.35
C MET F 56 11.19 -17.99 -3.14
N ALA F 57 11.98 -18.85 -2.50
CA ALA F 57 11.50 -20.15 -2.05
C ALA F 57 10.36 -19.96 -1.05
N GLN F 58 10.57 -19.07 -0.10
CA GLN F 58 9.59 -18.80 0.95
C GLN F 58 8.37 -18.06 0.41
N MET F 59 8.58 -17.24 -0.62
CA MET F 59 7.48 -16.55 -1.30
C MET F 59 6.63 -17.53 -2.10
N THR F 60 7.27 -18.48 -2.75
CA THR F 60 6.57 -19.51 -3.51
C THR F 60 5.62 -20.27 -2.58
N SER F 61 6.13 -20.60 -1.40
CA SER F 61 5.34 -21.23 -0.36
C SER F 61 4.16 -20.34 0.03
N PHE F 62 4.44 -19.05 0.22
CA PHE F 62 3.42 -18.08 0.56
C PHE F 62 2.38 -17.90 -0.55
N ILE F 63 2.83 -17.96 -1.80
CA ILE F 63 1.94 -17.82 -2.96
C ILE F 63 0.92 -18.94 -3.01
N PHE F 64 1.37 -20.17 -2.71
CA PHE F 64 0.47 -21.31 -2.62
C PHE F 64 -0.60 -21.10 -1.55
N GLU F 65 -0.22 -20.48 -0.44
CA GLU F 65 -1.18 -20.19 0.63
C GLU F 65 -2.23 -19.16 0.21
N VAL F 66 -1.82 -18.17 -0.61
CA VAL F 66 -2.72 -17.11 -1.04
C VAL F 66 -3.76 -17.68 -2.00
N VAL F 67 -3.29 -18.28 -3.08
CA VAL F 67 -4.19 -18.84 -4.10
C VAL F 67 -5.16 -19.87 -3.53
N GLU F 68 -4.75 -20.57 -2.48
CA GLU F 68 -5.63 -21.56 -1.87
C GLU F 68 -6.64 -20.87 -0.97
N LYS F 69 -6.23 -19.82 -0.27
CA LYS F 69 -7.17 -18.97 0.45
C LYS F 69 -8.19 -18.30 -0.48
N LEU F 70 -7.73 -17.82 -1.62
CA LEU F 70 -8.65 -17.22 -2.60
C LEU F 70 -9.50 -18.24 -3.34
N GLY F 71 -9.12 -19.52 -3.28
CA GLY F 71 -9.93 -20.57 -3.90
C GLY F 71 -9.80 -20.62 -5.40
N ILE F 72 -8.70 -20.08 -5.92
CA ILE F 72 -8.41 -20.10 -7.34
C ILE F 72 -7.25 -21.05 -7.68
N LYS F 73 -6.69 -21.70 -6.66
CA LYS F 73 -5.56 -22.60 -6.85
C LYS F 73 -5.84 -23.64 -7.94
N GLU F 74 -7.03 -24.23 -7.88
CA GLU F 74 -7.42 -25.32 -8.78
C GLU F 74 -8.25 -24.86 -9.97
N LYS F 75 -8.86 -23.68 -9.86
CA LYS F 75 -9.60 -23.09 -10.98
C LYS F 75 -8.64 -22.57 -12.05
N GLY F 76 -7.52 -22.00 -11.63
CA GLY F 76 -6.50 -21.49 -12.54
C GLY F 76 -6.19 -20.03 -12.27
N TYR F 77 -4.92 -19.68 -12.39
CA TYR F 77 -4.47 -18.32 -12.15
C TYR F 77 -3.18 -17.98 -12.90
N LYS F 78 -2.93 -16.69 -13.07
CA LYS F 78 -1.71 -16.19 -13.71
C LYS F 78 -0.77 -15.63 -12.64
N LEU F 79 0.52 -15.85 -12.83
CA LEU F 79 1.54 -15.27 -11.96
C LEU F 79 2.40 -14.33 -12.80
N LEU F 80 2.50 -13.08 -12.38
CA LEU F 80 3.20 -12.05 -13.15
C LEU F 80 3.96 -11.11 -12.24
N THR F 81 5.17 -10.75 -12.64
CA THR F 81 5.88 -9.64 -12.01
C THR F 81 6.62 -8.85 -13.09
N ASN F 82 6.55 -7.53 -13.00
CA ASN F 82 7.21 -6.63 -13.94
C ASN F 82 8.52 -6.12 -13.35
N VAL F 83 9.61 -6.32 -14.07
CA VAL F 83 10.92 -5.91 -13.60
C VAL F 83 11.36 -4.67 -14.37
N GLY F 84 11.24 -3.51 -13.72
CA GLY F 84 11.66 -2.24 -14.29
C GLY F 84 10.54 -1.49 -14.99
N LYS F 85 10.69 -0.18 -15.09
CA LYS F 85 9.68 0.67 -15.74
C LYS F 85 9.44 0.31 -17.20
N ASN F 86 10.47 -0.16 -17.88
CA ASN F 86 10.37 -0.52 -19.29
C ASN F 86 9.57 -1.79 -19.56
N ALA F 87 9.35 -2.59 -18.51
CA ALA F 87 8.48 -3.76 -18.57
C ALA F 87 7.11 -3.49 -17.93
N GLY F 88 6.83 -2.21 -17.67
CA GLY F 88 5.51 -1.80 -17.19
C GLY F 88 5.37 -1.63 -15.69
N GLN F 89 6.47 -1.75 -14.94
CA GLN F 89 6.41 -1.60 -13.49
C GLN F 89 6.15 -0.15 -13.12
N GLU F 90 5.12 0.07 -12.31
CA GLU F 90 4.67 1.42 -11.94
C GLU F 90 5.04 1.73 -10.50
N VAL F 91 4.79 0.78 -9.59
CA VAL F 91 5.19 0.90 -8.19
C VAL F 91 6.52 0.18 -8.03
N MET F 92 7.51 0.86 -7.46
CA MET F 92 8.86 0.33 -7.36
C MET F 92 9.10 -0.40 -6.05
N HIS F 93 8.33 -1.46 -5.85
CA HIS F 93 8.55 -2.42 -4.78
C HIS F 93 8.16 -3.76 -5.38
N LEU F 94 8.99 -4.78 -5.16
CA LEU F 94 8.77 -6.10 -5.75
C LEU F 94 7.36 -6.56 -5.45
N HIS F 95 6.63 -6.94 -6.48
CA HIS F 95 5.31 -7.48 -6.30
C HIS F 95 4.92 -8.43 -7.42
N PHE F 96 4.21 -9.49 -7.05
CA PHE F 96 3.66 -10.43 -8.00
C PHE F 96 2.17 -10.23 -8.12
N HIS F 97 1.69 -10.11 -9.36
CA HIS F 97 0.27 -10.09 -9.63
C HIS F 97 -0.25 -11.52 -9.66
N ILE F 98 -1.37 -11.76 -8.98
CA ILE F 98 -2.07 -13.02 -9.10
C ILE F 98 -3.43 -12.72 -9.70
N LEU F 99 -3.60 -13.09 -10.96
CA LEU F 99 -4.85 -12.90 -11.67
C LEU F 99 -5.52 -14.23 -11.88
N SER F 100 -6.83 -14.18 -12.09
CA SER F 100 -7.62 -15.34 -12.28
C SER F 100 -8.03 -15.34 -13.70
N GLY F 101 -7.66 -16.44 -14.34
CA GLY F 101 -7.98 -16.71 -15.73
C GLY F 101 -9.47 -16.92 -15.88
N ASP F 102 -10.10 -16.03 -16.65
CA ASP F 102 -11.55 -15.99 -16.73
C ASP F 102 -12.10 -16.80 -17.88
N MET G 1 -31.35 -27.64 9.88
CA MET G 1 -30.46 -27.52 11.08
C MET G 1 -31.17 -27.66 12.45
N ASN G 2 -32.49 -27.87 12.48
CA ASN G 2 -33.25 -28.08 13.74
C ASN G 2 -33.82 -29.49 13.62
N VAL G 3 -34.17 -30.09 14.76
CA VAL G 3 -34.47 -31.53 14.78
C VAL G 3 -35.62 -31.96 13.87
N PHE G 4 -36.72 -31.21 13.84
CA PHE G 4 -37.85 -31.54 12.96
C PHE G 4 -37.53 -31.25 11.49
N GLU G 5 -36.74 -30.21 11.23
CA GLU G 5 -36.31 -29.89 9.86
C GLU G 5 -35.44 -31.01 9.31
N LYS G 6 -34.61 -31.58 10.17
CA LYS G 6 -33.78 -32.74 9.81
C LYS G 6 -34.62 -33.94 9.43
N ILE G 7 -35.71 -34.16 10.17
CA ILE G 7 -36.65 -35.24 9.87
C ILE G 7 -37.28 -35.02 8.50
N ILE G 8 -37.72 -33.79 8.26
CA ILE G 8 -38.34 -33.41 6.98
C ILE G 8 -37.40 -33.64 5.80
N GLN G 9 -36.14 -33.30 6.00
CA GLN G 9 -35.15 -33.34 4.95
C GLN G 9 -34.49 -34.76 4.91
N GLY G 10 -34.92 -35.64 5.83
CA GLY G 10 -34.59 -37.06 5.81
C GLY G 10 -33.20 -37.38 6.35
N GLU G 11 -32.62 -36.42 7.07
CA GLU G 11 -31.32 -36.60 7.71
C GLU G 11 -31.39 -37.56 8.90
N ILE G 12 -32.49 -37.49 9.65
CA ILE G 12 -32.69 -38.35 10.81
C ILE G 12 -33.94 -39.18 10.61
N PRO G 13 -33.91 -40.46 11.03
CA PRO G 13 -35.10 -41.29 10.94
C PRO G 13 -36.21 -40.87 11.89
N CYS G 14 -37.39 -41.45 11.70
CA CYS G 14 -38.51 -41.27 12.63
C CYS G 14 -39.51 -42.42 12.44
N SER G 15 -40.48 -42.50 13.34
CA SER G 15 -41.56 -43.47 13.23
C SER G 15 -42.75 -42.79 12.56
N LYS G 16 -42.71 -42.71 11.22
CA LYS G 16 -43.76 -42.01 10.44
C LYS G 16 -45.10 -42.69 10.61
N ILE G 17 -46.09 -41.91 11.01
CA ILE G 17 -47.46 -42.38 11.15
C ILE G 17 -48.19 -42.18 9.83
N LEU G 18 -48.18 -40.95 9.34
CA LEU G 18 -48.79 -40.59 8.06
C LEU G 18 -48.00 -39.46 7.43
N GLU G 19 -48.05 -39.38 6.10
CA GLU G 19 -47.37 -38.32 5.36
C GLU G 19 -48.15 -37.95 4.10
N ASN G 20 -47.99 -36.69 3.69
CA ASN G 20 -48.54 -36.24 2.43
C ASN G 20 -47.71 -35.06 1.93
N GLU G 21 -48.12 -34.50 0.79
CA GLU G 21 -47.31 -33.50 0.11
C GLU G 21 -46.95 -32.27 0.95
N ARG G 22 -47.83 -31.90 1.88
CA ARG G 22 -47.63 -30.71 2.71
C ARG G 22 -47.37 -30.97 4.20
N PHE G 23 -47.70 -32.17 4.70
CA PHE G 23 -47.58 -32.47 6.13
C PHE G 23 -46.94 -33.82 6.39
N LEU G 24 -46.50 -33.99 7.63
CA LEU G 24 -45.89 -35.23 8.08
C LEU G 24 -46.23 -35.46 9.55
N SER G 25 -46.55 -36.69 9.91
CA SER G 25 -46.82 -37.05 11.29
C SER G 25 -45.93 -38.21 11.72
N PHE G 26 -45.56 -38.21 12.99
CA PHE G 26 -44.70 -39.24 13.55
C PHE G 26 -44.79 -39.27 15.08
N TYR G 27 -44.38 -40.39 15.67
CA TYR G 27 -44.41 -40.57 17.12
C TYR G 27 -43.35 -39.74 17.83
N ASP G 28 -43.72 -39.23 19.00
CA ASP G 28 -42.80 -38.48 19.85
C ASP G 28 -41.91 -39.50 20.58
N ILE G 29 -40.61 -39.23 20.59
CA ILE G 29 -39.63 -40.15 21.16
C ILE G 29 -39.62 -40.13 22.71
N ASN G 30 -40.19 -39.07 23.31
CA ASN G 30 -40.47 -39.02 24.76
C ASN G 30 -41.97 -38.85 25.01
N PRO G 31 -42.74 -39.94 24.88
CA PRO G 31 -44.20 -39.87 25.01
C PRO G 31 -44.66 -39.36 26.38
N LYS G 32 -45.76 -38.61 26.37
CA LYS G 32 -46.39 -38.08 27.58
C LYS G 32 -47.80 -38.65 27.71
N ALA G 33 -48.13 -39.59 26.83
CA ALA G 33 -49.43 -40.27 26.85
C ALA G 33 -49.27 -41.61 26.12
N LYS G 34 -50.23 -42.50 26.32
CA LYS G 34 -50.19 -43.84 25.73
C LYS G 34 -49.88 -43.74 24.22
N VAL G 35 -50.63 -42.90 23.52
CA VAL G 35 -50.30 -42.55 22.14
C VAL G 35 -49.96 -41.06 22.11
N HIS G 36 -48.77 -40.77 21.61
CA HIS G 36 -48.29 -39.39 21.47
C HIS G 36 -47.70 -39.18 20.08
N ALA G 37 -48.45 -38.49 19.22
CA ALA G 37 -47.99 -38.18 17.87
C ALA G 37 -47.73 -36.68 17.70
N LEU G 38 -46.93 -36.35 16.69
CA LEU G 38 -46.64 -34.97 16.32
C LEU G 38 -47.06 -34.77 14.89
N VAL G 39 -47.74 -33.66 14.60
CA VAL G 39 -48.09 -33.29 13.24
C VAL G 39 -47.34 -32.03 12.85
N ILE G 40 -46.57 -32.09 11.75
CA ILE G 40 -45.76 -30.95 11.32
C ILE G 40 -45.96 -30.63 9.85
N PRO G 41 -45.95 -29.33 9.51
CA PRO G 41 -45.93 -28.93 8.12
C PRO G 41 -44.53 -29.12 7.56
N LYS G 42 -44.46 -29.65 6.33
CA LYS G 42 -43.16 -29.80 5.67
C LYS G 42 -42.54 -28.45 5.35
N GLN G 43 -43.40 -27.46 5.09
CA GLN G 43 -42.96 -26.08 4.86
C GLN G 43 -42.30 -25.54 6.12
N SER G 44 -41.29 -24.69 5.93
CA SER G 44 -40.52 -24.14 7.03
C SER G 44 -41.29 -23.03 7.73
N ILE G 45 -41.98 -23.39 8.81
CA ILE G 45 -42.66 -22.37 9.65
C ILE G 45 -42.48 -22.69 11.13
N GLN G 46 -42.27 -21.63 11.90
CA GLN G 46 -41.72 -21.73 13.24
C GLN G 46 -42.73 -22.05 14.32
N ASP G 47 -43.93 -21.48 14.21
CA ASP G 47 -44.97 -21.65 15.21
C ASP G 47 -46.35 -21.37 14.62
N PHE G 48 -47.38 -21.44 15.46
CA PHE G 48 -48.75 -21.28 14.99
C PHE G 48 -49.00 -19.88 14.41
N ASN G 49 -48.38 -18.87 15.00
CA ASN G 49 -48.51 -17.52 14.47
C ASN G 49 -48.16 -17.38 12.99
N GLY G 50 -47.25 -18.22 12.50
CA GLY G 50 -46.75 -18.15 11.13
C GLY G 50 -47.37 -19.14 10.16
N ILE G 51 -48.56 -19.66 10.46
CA ILE G 51 -49.28 -20.53 9.51
C ILE G 51 -50.45 -19.75 8.93
N THR G 52 -50.70 -19.92 7.63
CA THR G 52 -51.79 -19.25 6.95
C THR G 52 -53.09 -19.99 7.27
N PRO G 53 -54.24 -19.28 7.26
CA PRO G 53 -55.47 -20.04 7.49
C PRO G 53 -55.69 -21.18 6.51
N GLU G 54 -55.50 -20.90 5.22
CA GLU G 54 -55.62 -21.90 4.16
C GLU G 54 -54.88 -23.21 4.39
N LEU G 55 -53.72 -23.11 5.02
CA LEU G 55 -52.87 -24.26 5.28
C LEU G 55 -53.31 -25.00 6.53
N MET G 56 -53.88 -24.27 7.48
CA MET G 56 -54.40 -24.85 8.70
C MET G 56 -55.70 -25.59 8.43
N ALA G 57 -56.42 -25.18 7.38
CA ALA G 57 -57.57 -25.93 6.89
C ALA G 57 -57.11 -27.32 6.44
N GLN G 58 -56.03 -27.35 5.66
CA GLN G 58 -55.50 -28.58 5.13
C GLN G 58 -54.86 -29.44 6.21
N MET G 59 -54.31 -28.80 7.23
CA MET G 59 -53.75 -29.50 8.39
C MET G 59 -54.84 -30.14 9.23
N THR G 60 -55.95 -29.42 9.41
CA THR G 60 -57.10 -29.95 10.14
C THR G 60 -57.58 -31.23 9.49
N SER G 61 -57.65 -31.21 8.16
CA SER G 61 -58.01 -32.38 7.37
C SER G 61 -57.01 -33.50 7.62
N PHE G 62 -55.72 -33.16 7.61
CA PHE G 62 -54.65 -34.11 7.87
C PHE G 62 -54.70 -34.67 9.29
N ILE G 63 -55.06 -33.83 10.25
CA ILE G 63 -55.15 -34.26 11.65
C ILE G 63 -56.23 -35.31 11.83
N PHE G 64 -57.36 -35.14 11.16
CA PHE G 64 -58.43 -36.14 11.20
C PHE G 64 -57.95 -37.48 10.64
N GLU G 65 -57.10 -37.43 9.62
CA GLU G 65 -56.54 -38.66 9.04
C GLU G 65 -55.59 -39.37 10.01
N VAL G 66 -54.83 -38.61 10.80
CA VAL G 66 -53.87 -39.17 11.73
C VAL G 66 -54.60 -39.88 12.87
N VAL G 67 -55.45 -39.14 13.57
CA VAL G 67 -56.19 -39.69 14.71
C VAL G 67 -57.03 -40.91 14.35
N GLU G 68 -57.47 -40.97 13.09
CA GLU G 68 -58.24 -42.10 12.62
C GLU G 68 -57.33 -43.29 12.35
N LYS G 69 -56.16 -43.02 11.78
CA LYS G 69 -55.14 -44.05 11.62
C LYS G 69 -54.69 -44.59 12.96
N LEU G 70 -54.49 -43.72 13.94
CA LEU G 70 -54.09 -44.17 15.27
C LEU G 70 -55.23 -44.82 16.05
N GLY G 71 -56.47 -44.65 15.60
CA GLY G 71 -57.61 -45.31 16.25
C GLY G 71 -58.00 -44.68 17.58
N ILE G 72 -57.63 -43.42 17.75
CA ILE G 72 -57.99 -42.64 18.94
C ILE G 72 -59.04 -41.58 18.65
N LYS G 73 -59.48 -41.49 17.39
CA LYS G 73 -60.43 -40.46 16.98
C LYS G 73 -61.70 -40.48 17.84
N GLU G 74 -62.22 -41.67 18.08
CA GLU G 74 -63.49 -41.85 18.80
C GLU G 74 -63.24 -42.18 20.31
N LYS G 75 -62.03 -42.64 20.67
CA LYS G 75 -61.67 -42.85 22.09
C LYS G 75 -61.43 -41.53 22.83
N GLY G 76 -60.83 -40.57 22.14
CA GLY G 76 -60.58 -39.26 22.71
C GLY G 76 -59.11 -38.88 22.65
N TYR G 77 -58.85 -37.61 22.37
CA TYR G 77 -57.49 -37.10 22.26
C TYR G 77 -57.39 -35.61 22.54
N LYS G 78 -56.17 -35.17 22.86
CA LYS G 78 -55.88 -33.76 23.08
C LYS G 78 -55.14 -33.20 21.89
N LEU G 79 -55.42 -31.95 21.56
CA LEU G 79 -54.66 -31.24 20.55
C LEU G 79 -54.01 -30.03 21.17
N LEU G 80 -52.70 -29.93 20.98
CA LEU G 80 -51.92 -28.89 21.63
C LEU G 80 -50.82 -28.39 20.71
N THR G 81 -50.62 -27.08 20.70
CA THR G 81 -49.42 -26.51 20.10
C THR G 81 -48.94 -25.34 20.96
N ASN G 82 -47.62 -25.29 21.17
CA ASN G 82 -47.01 -24.24 21.96
C ASN G 82 -46.43 -23.17 21.04
N VAL G 83 -46.82 -21.92 21.28
CA VAL G 83 -46.36 -20.81 20.46
C VAL G 83 -45.34 -19.99 21.24
N GLY G 84 -44.07 -20.20 20.92
CA GLY G 84 -42.97 -19.47 21.55
C GLY G 84 -42.38 -20.20 22.74
N LYS G 85 -41.14 -19.88 23.04
CA LYS G 85 -40.49 -20.46 24.17
C LYS G 85 -41.14 -20.26 25.52
N ASN G 86 -41.75 -19.10 25.70
CA ASN G 86 -42.40 -18.76 26.94
C ASN G 86 -43.67 -19.57 27.21
N ALA G 87 -44.20 -20.22 26.17
CA ALA G 87 -45.33 -21.14 26.31
C ALA G 87 -44.86 -22.59 26.26
N GLY G 88 -43.55 -22.81 26.38
CA GLY G 88 -42.99 -24.16 26.50
C GLY G 88 -42.52 -24.79 25.22
N GLN G 89 -42.49 -24.03 24.12
CA GLN G 89 -41.99 -24.56 22.86
C GLN G 89 -40.49 -24.77 22.91
N GLU G 90 -40.04 -25.99 22.60
CA GLU G 90 -38.63 -26.36 22.69
C GLU G 90 -38.00 -26.48 21.30
N VAL G 91 -38.71 -27.13 20.38
CA VAL G 91 -38.27 -27.22 18.98
C VAL G 91 -38.99 -26.12 18.21
N MET G 92 -38.22 -25.32 17.47
CA MET G 92 -38.77 -24.14 16.79
C MET G 92 -39.19 -24.46 15.36
N HIS G 93 -40.15 -25.36 15.25
CA HIS G 93 -40.84 -25.64 14.00
C HIS G 93 -42.27 -25.95 14.42
N LEU G 94 -43.24 -25.38 13.71
CA LEU G 94 -44.64 -25.54 14.06
C LEU G 94 -44.98 -27.02 14.21
N HIS G 95 -45.55 -27.39 15.34
CA HIS G 95 -45.98 -28.75 15.53
C HIS G 95 -47.15 -28.83 16.51
N PHE G 96 -48.07 -29.75 16.21
CA PHE G 96 -49.20 -30.04 17.08
C PHE G 96 -48.97 -31.37 17.78
N HIS G 97 -49.11 -31.37 19.10
CA HIS G 97 -49.09 -32.61 19.87
C HIS G 97 -50.47 -33.24 19.80
N ILE G 98 -50.51 -34.54 19.54
CA ILE G 98 -51.73 -35.31 19.65
C ILE G 98 -51.51 -36.33 20.75
N LEU G 99 -52.16 -36.10 21.89
CA LEU G 99 -52.08 -37.00 23.02
C LEU G 99 -53.40 -37.73 23.16
N SER G 100 -53.34 -38.91 23.76
CA SER G 100 -54.49 -39.81 23.80
C SER G 100 -54.36 -40.66 25.04
N GLY G 101 -55.31 -40.54 25.97
CA GLY G 101 -55.42 -41.47 27.11
C GLY G 101 -54.15 -41.80 27.87
N MET H 1 -78.88 -25.56 25.93
CA MET H 1 -78.90 -26.80 26.79
C MET H 1 -77.48 -27.21 27.35
N ASN H 2 -76.45 -26.40 27.09
CA ASN H 2 -75.16 -26.53 27.81
C ASN H 2 -74.57 -25.13 28.06
N VAL H 3 -73.57 -25.05 28.93
CA VAL H 3 -73.10 -23.75 29.43
C VAL H 3 -72.60 -22.79 28.33
N PHE H 4 -71.84 -23.29 27.36
CA PHE H 4 -71.34 -22.43 26.27
C PHE H 4 -72.44 -22.07 25.28
N GLU H 5 -73.38 -23.00 25.07
CA GLU H 5 -74.54 -22.73 24.22
C GLU H 5 -75.39 -21.61 24.80
N LYS H 6 -75.51 -21.61 26.13
CA LYS H 6 -76.23 -20.56 26.85
C LYS H 6 -75.58 -19.20 26.65
N ILE H 7 -74.25 -19.18 26.66
CA ILE H 7 -73.49 -17.96 26.42
C ILE H 7 -73.76 -17.44 25.01
N ILE H 8 -73.73 -18.36 24.04
CA ILE H 8 -73.96 -18.03 22.63
C ILE H 8 -75.36 -17.44 22.44
N GLN H 9 -76.33 -18.00 23.13
CA GLN H 9 -77.70 -17.58 22.99
C GLN H 9 -78.04 -16.41 23.87
N GLY H 10 -77.07 -16.01 24.70
CA GLY H 10 -77.16 -14.82 25.52
C GLY H 10 -77.96 -15.00 26.80
N GLU H 11 -78.19 -16.25 27.19
CA GLU H 11 -78.89 -16.59 28.42
C GLU H 11 -78.05 -16.26 29.66
N ILE H 12 -76.75 -16.50 29.57
CA ILE H 12 -75.84 -16.20 30.69
C ILE H 12 -74.73 -15.26 30.22
N PRO H 13 -74.35 -14.30 31.09
CA PRO H 13 -73.31 -13.34 30.72
C PRO H 13 -71.93 -13.97 30.59
N CYS H 14 -70.99 -13.19 30.07
CA CYS H 14 -69.58 -13.60 30.03
C CYS H 14 -68.69 -12.36 29.86
N SER H 15 -67.39 -12.56 30.01
CA SER H 15 -66.42 -11.49 29.77
C SER H 15 -65.90 -11.62 28.35
N LYS H 16 -66.70 -11.10 27.42
CA LYS H 16 -66.40 -11.20 26.02
C LYS H 16 -65.11 -10.45 25.64
N ILE H 17 -64.19 -11.17 25.01
CA ILE H 17 -62.91 -10.63 24.55
C ILE H 17 -63.12 -10.08 23.15
N LEU H 18 -63.66 -10.91 22.30
CA LEU H 18 -64.16 -10.32 21.08
C LEU H 18 -65.07 -11.37 20.39
N GLU H 19 -65.73 -10.89 19.35
CA GLU H 19 -66.80 -11.62 18.73
C GLU H 19 -66.91 -11.27 17.25
N ASN H 20 -67.44 -12.21 16.49
CA ASN H 20 -67.74 -11.96 15.09
C ASN H 20 -68.87 -12.88 14.66
N GLU H 21 -69.25 -12.83 13.39
CA GLU H 21 -70.44 -13.52 12.91
C GLU H 21 -70.44 -15.04 13.16
N ARG H 22 -69.25 -15.65 13.16
CA ARG H 22 -69.12 -17.10 13.31
C ARG H 22 -68.46 -17.59 14.59
N PHE H 23 -67.76 -16.70 15.29
CA PHE H 23 -67.01 -17.08 16.50
C PHE H 23 -67.21 -16.11 17.65
N LEU H 24 -66.84 -16.58 18.84
CA LEU H 24 -66.92 -15.78 20.06
C LEU H 24 -65.80 -16.20 21.00
N SER H 25 -65.16 -15.21 21.62
CA SER H 25 -64.12 -15.47 22.61
C SER H 25 -64.43 -14.78 23.92
N PHE H 26 -64.05 -15.42 25.02
CA PHE H 26 -64.28 -14.88 26.35
C PHE H 26 -63.35 -15.52 27.37
N TYR H 27 -63.21 -14.86 28.52
CA TYR H 27 -62.33 -15.35 29.59
C TYR H 27 -62.92 -16.57 30.31
N ASP H 28 -62.05 -17.48 30.69
CA ASP H 28 -62.41 -18.65 31.47
C ASP H 28 -62.60 -18.22 32.92
N ILE H 29 -63.69 -18.67 33.53
CA ILE H 29 -64.04 -18.27 34.90
C ILE H 29 -63.18 -18.97 35.97
N ASN H 30 -62.55 -20.10 35.63
CA ASN H 30 -61.55 -20.73 36.52
C ASN H 30 -60.18 -20.79 35.76
N PRO H 31 -59.46 -19.62 35.70
CA PRO H 31 -58.21 -19.53 34.95
C PRO H 31 -57.14 -20.50 35.41
N LYS H 32 -56.35 -21.00 34.45
CA LYS H 32 -55.24 -21.92 34.71
C LYS H 32 -53.93 -21.25 34.29
N ALA H 33 -54.01 -19.99 33.89
CA ALA H 33 -52.85 -19.19 33.50
C ALA H 33 -53.20 -17.73 33.67
N LYS H 34 -52.17 -16.88 33.67
CA LYS H 34 -52.34 -15.43 33.86
C LYS H 34 -53.44 -14.90 32.95
N VAL H 35 -53.34 -15.21 31.67
CA VAL H 35 -54.43 -14.96 30.73
C VAL H 35 -54.95 -16.30 30.23
N HIS H 36 -56.25 -16.53 30.42
CA HIS H 36 -56.90 -17.74 29.96
C HIS H 36 -58.19 -17.39 29.23
N ALA H 37 -58.16 -17.51 27.91
CA ALA H 37 -59.34 -17.25 27.07
C ALA H 37 -59.85 -18.54 26.42
N LEU H 38 -61.12 -18.49 26.02
CA LEU H 38 -61.75 -19.60 25.31
C LEU H 38 -62.24 -19.08 23.97
N VAL H 39 -62.01 -19.83 22.90
CA VAL H 39 -62.53 -19.49 21.57
C VAL H 39 -63.54 -20.54 21.13
N ILE H 40 -64.75 -20.09 20.79
CA ILE H 40 -65.85 -20.96 20.48
C ILE H 40 -66.50 -20.61 19.17
N PRO H 41 -66.91 -21.62 18.38
CA PRO H 41 -67.77 -21.37 17.22
C PRO H 41 -69.21 -21.15 17.68
N LYS H 42 -69.88 -20.15 17.09
CA LYS H 42 -71.29 -19.90 17.41
C LYS H 42 -72.18 -21.04 16.93
N GLN H 43 -71.76 -21.67 15.84
CA GLN H 43 -72.42 -22.86 15.32
C GLN H 43 -72.35 -24.00 16.33
N SER H 44 -73.40 -24.82 16.36
CA SER H 44 -73.51 -25.90 17.32
C SER H 44 -72.63 -27.07 16.91
N ILE H 45 -71.43 -27.12 17.46
CA ILE H 45 -70.51 -28.19 17.19
C ILE H 45 -69.86 -28.67 18.47
N GLN H 46 -69.76 -30.00 18.63
CA GLN H 46 -69.43 -30.60 19.92
C GLN H 46 -67.95 -30.65 20.26
N ASP H 47 -67.12 -30.93 19.27
CA ASP H 47 -65.67 -31.07 19.47
C ASP H 47 -64.92 -30.86 18.17
N PHE H 48 -63.59 -31.01 18.21
CA PHE H 48 -62.75 -30.76 17.06
C PHE H 48 -63.07 -31.68 15.89
N ASN H 49 -63.40 -32.93 16.20
CA ASN H 49 -63.79 -33.88 15.14
C ASN H 49 -64.92 -33.40 14.24
N GLY H 50 -65.81 -32.56 14.78
CA GLY H 50 -66.99 -32.09 14.06
C GLY H 50 -66.89 -30.68 13.47
N ILE H 51 -65.68 -30.19 13.25
CA ILE H 51 -65.47 -28.88 12.58
C ILE H 51 -64.96 -29.14 11.17
N THR H 52 -65.45 -28.38 10.20
CA THR H 52 -65.00 -28.52 8.82
C THR H 52 -63.68 -27.80 8.65
N PRO H 53 -62.86 -28.23 7.69
CA PRO H 53 -61.62 -27.49 7.50
C PRO H 53 -61.84 -26.01 7.20
N GLU H 54 -62.76 -25.70 6.27
CA GLU H 54 -63.15 -24.33 5.88
C GLU H 54 -63.40 -23.39 7.07
N LEU H 55 -63.99 -23.94 8.12
CA LEU H 55 -64.36 -23.16 9.30
C LEU H 55 -63.18 -23.01 10.27
N MET H 56 -62.30 -23.99 10.29
CA MET H 56 -61.11 -23.96 11.12
C MET H 56 -60.09 -22.99 10.54
N ALA H 57 -60.14 -22.78 9.22
CA ALA H 57 -59.37 -21.73 8.59
C ALA H 57 -59.79 -20.38 9.13
N GLN H 58 -61.10 -20.17 9.20
CA GLN H 58 -61.67 -18.90 9.67
C GLN H 58 -61.47 -18.72 11.18
N MET H 59 -61.44 -19.82 11.91
CA MET H 59 -61.16 -19.81 13.34
C MET H 59 -59.69 -19.46 13.61
N THR H 60 -58.80 -20.00 12.80
CA THR H 60 -57.37 -19.70 12.90
C THR H 60 -57.14 -18.21 12.74
N SER H 61 -57.83 -17.62 11.77
CA SER H 61 -57.82 -16.19 11.55
C SER H 61 -58.33 -15.44 12.78
N PHE H 62 -59.44 -15.94 13.33
CA PHE H 62 -60.04 -15.37 14.54
C PHE H 62 -59.13 -15.51 15.76
N ILE H 63 -58.42 -16.63 15.87
CA ILE H 63 -57.51 -16.87 16.98
C ILE H 63 -56.36 -15.85 16.98
N PHE H 64 -55.83 -15.53 15.80
CA PHE H 64 -54.80 -14.51 15.68
C PHE H 64 -55.31 -13.15 16.18
N GLU H 65 -56.58 -12.86 15.91
CA GLU H 65 -57.18 -11.61 16.36
C GLU H 65 -57.31 -11.56 17.88
N VAL H 66 -57.61 -12.69 18.50
CA VAL H 66 -57.80 -12.75 19.94
C VAL H 66 -56.47 -12.53 20.65
N VAL H 67 -55.49 -13.37 20.32
CA VAL H 67 -54.16 -13.28 20.98
C VAL H 67 -53.51 -11.92 20.81
N GLU H 68 -53.84 -11.24 19.71
CA GLU H 68 -53.32 -9.91 19.46
C GLU H 68 -54.07 -8.87 20.31
N LYS H 69 -55.42 -9.00 20.44
CA LYS H 69 -56.24 -8.16 21.38
C LYS H 69 -55.74 -8.38 22.82
N LEU H 70 -55.46 -9.64 23.19
CA LEU H 70 -54.94 -9.90 24.54
C LEU H 70 -53.48 -9.50 24.76
N GLY H 71 -52.72 -9.27 23.68
CA GLY H 71 -51.35 -8.80 23.80
C GLY H 71 -50.39 -9.90 24.22
N ILE H 72 -50.77 -11.15 23.98
CA ILE H 72 -49.93 -12.31 24.27
C ILE H 72 -49.39 -12.96 23.00
N LYS H 73 -49.76 -12.42 21.84
CA LYS H 73 -49.34 -12.98 20.56
C LYS H 73 -47.83 -13.19 20.50
N GLU H 74 -47.09 -12.18 20.95
CA GLU H 74 -45.64 -12.16 20.86
C GLU H 74 -44.95 -12.58 22.15
N LYS H 75 -45.66 -12.51 23.26
CA LYS H 75 -45.14 -12.98 24.54
C LYS H 75 -45.10 -14.50 24.61
N GLY H 76 -46.11 -15.14 24.03
CA GLY H 76 -46.17 -16.60 23.96
C GLY H 76 -47.47 -17.12 24.55
N TYR H 77 -48.03 -18.15 23.93
CA TYR H 77 -49.27 -18.74 24.39
C TYR H 77 -49.42 -20.21 23.96
N LYS H 78 -50.31 -20.92 24.66
CA LYS H 78 -50.62 -22.31 24.34
C LYS H 78 -51.97 -22.38 23.67
N LEU H 79 -52.09 -23.28 22.70
CA LEU H 79 -53.37 -23.56 22.05
C LEU H 79 -53.75 -25.00 22.35
N LEU H 80 -54.93 -25.21 22.93
CA LEU H 80 -55.37 -26.53 23.35
C LEU H 80 -56.86 -26.73 23.10
N THR H 81 -57.22 -27.92 22.62
CA THR H 81 -58.62 -28.33 22.61
C THR H 81 -58.72 -29.81 22.97
N ASN H 82 -59.68 -30.15 23.82
CA ASN H 82 -59.90 -31.52 24.25
C ASN H 82 -61.04 -32.15 23.45
N VAL H 83 -60.77 -33.30 22.84
CA VAL H 83 -61.75 -33.98 22.01
C VAL H 83 -62.27 -35.20 22.76
N GLY H 84 -63.47 -35.07 23.34
CA GLY H 84 -64.13 -36.16 24.04
C GLY H 84 -63.90 -36.15 25.53
N LYS H 85 -64.86 -36.73 26.29
CA LYS H 85 -64.70 -36.89 27.73
C LYS H 85 -63.54 -37.64 28.38
N ASN H 86 -62.74 -38.31 27.58
CA ASN H 86 -61.55 -39.14 28.09
C ASN H 86 -60.27 -38.53 27.62
N ALA H 87 -60.40 -37.41 26.93
CA ALA H 87 -59.31 -36.47 26.82
C ALA H 87 -59.65 -35.21 27.61
N GLY H 88 -60.41 -35.36 28.71
CA GLY H 88 -60.69 -34.27 29.62
C GLY H 88 -61.73 -33.22 29.29
N GLN H 89 -62.47 -33.40 28.18
CA GLN H 89 -63.48 -32.42 27.79
C GLN H 89 -64.66 -32.50 28.75
N GLU H 90 -65.01 -31.35 29.33
CA GLU H 90 -66.04 -31.25 30.38
C GLU H 90 -67.32 -30.60 29.81
N VAL H 91 -67.16 -29.52 29.05
CA VAL H 91 -68.27 -28.88 28.33
C VAL H 91 -68.27 -29.40 26.90
N MET H 92 -69.42 -29.89 26.44
CA MET H 92 -69.54 -30.52 25.13
C MET H 92 -69.94 -29.54 24.04
N HIS H 93 -69.08 -28.54 23.84
CA HIS H 93 -69.16 -27.63 22.71
C HIS H 93 -67.71 -27.35 22.36
N LEU H 94 -67.39 -27.39 21.06
CA LEU H 94 -66.02 -27.20 20.60
C LEU H 94 -65.46 -25.90 21.18
N HIS H 95 -64.30 -26.00 21.83
CA HIS H 95 -63.65 -24.82 22.32
C HIS H 95 -62.14 -25.01 22.40
N PHE H 96 -61.42 -23.94 22.09
CA PHE H 96 -59.97 -23.91 22.20
C PHE H 96 -59.57 -23.07 23.42
N HIS H 97 -58.72 -23.63 24.26
CA HIS H 97 -58.13 -22.90 25.36
C HIS H 97 -56.96 -22.10 24.82
N ILE H 98 -56.88 -20.83 25.20
CA ILE H 98 -55.69 -20.01 24.95
C ILE H 98 -55.10 -19.63 26.30
N LEU H 99 -53.97 -20.24 26.62
CA LEU H 99 -53.29 -19.98 27.87
C LEU H 99 -52.03 -19.20 27.56
N SER H 100 -51.56 -18.43 28.55
CA SER H 100 -50.48 -17.47 28.34
C SER H 100 -49.76 -17.27 29.65
N GLY H 101 -48.48 -17.64 29.71
CA GLY H 101 -47.59 -17.27 30.82
C GLY H 101 -48.12 -17.53 32.23
N MET I 1 39.82 21.91 7.22
CA MET I 1 40.78 20.77 7.48
C MET I 1 42.13 20.85 6.73
N ASN I 2 42.38 21.92 5.96
CA ASN I 2 43.66 22.12 5.20
C ASN I 2 44.60 23.28 5.74
N VAL I 3 45.92 23.14 5.54
CA VAL I 3 46.89 23.96 6.27
C VAL I 3 46.80 25.48 6.05
N PHE I 4 46.62 25.93 4.81
CA PHE I 4 46.51 27.37 4.53
C PHE I 4 45.17 27.93 4.97
N GLU I 5 44.11 27.13 4.87
CA GLU I 5 42.80 27.53 5.36
C GLU I 5 42.83 27.74 6.86
N LYS I 6 43.58 26.89 7.55
CA LYS I 6 43.77 27.03 8.99
C LYS I 6 44.46 28.34 9.35
N ILE I 7 45.45 28.72 8.54
CA ILE I 7 46.16 29.98 8.74
C ILE I 7 45.20 31.16 8.55
N ILE I 8 44.38 31.08 7.51
CA ILE I 8 43.39 32.13 7.21
C ILE I 8 42.40 32.30 8.36
N GLN I 9 41.99 31.18 8.94
CA GLN I 9 41.00 31.18 9.99
C GLN I 9 41.62 31.41 11.35
N GLY I 10 42.95 31.46 11.37
CA GLY I 10 43.70 31.81 12.56
C GLY I 10 43.89 30.68 13.55
N GLU I 11 43.65 29.45 13.08
CA GLU I 11 43.85 28.25 13.89
C GLU I 11 45.34 27.98 14.14
N ILE I 12 46.17 28.23 13.15
CA ILE I 12 47.61 28.03 13.25
C ILE I 12 48.33 29.34 13.00
N PRO I 13 49.42 29.60 13.77
CA PRO I 13 50.20 30.80 13.55
C PRO I 13 50.96 30.79 12.23
N CYS I 14 51.51 31.95 11.88
CA CYS I 14 52.40 32.07 10.73
C CYS I 14 53.25 33.34 10.88
N SER I 15 54.25 33.49 10.01
CA SER I 15 55.07 34.69 9.97
C SER I 15 54.51 35.62 8.90
N LYS I 16 53.46 36.37 9.27
CA LYS I 16 52.75 37.26 8.32
C LYS I 16 53.67 38.36 7.82
N ILE I 17 53.76 38.47 6.50
CA ILE I 17 54.55 39.50 5.85
C ILE I 17 53.68 40.71 5.60
N LEU I 18 52.55 40.49 4.93
CA LEU I 18 51.57 41.53 4.67
C LEU I 18 50.17 40.92 4.63
N GLU I 19 49.16 41.71 4.92
CA GLU I 19 47.78 41.26 4.90
C GLU I 19 46.85 42.39 4.48
N ASN I 20 45.73 42.02 3.86
CA ASN I 20 44.69 42.97 3.55
C ASN I 20 43.35 42.23 3.48
N GLU I 21 42.30 42.96 3.16
CA GLU I 21 40.94 42.41 3.23
C GLU I 21 40.72 41.14 2.39
N ARG I 22 41.42 41.02 1.26
CA ARG I 22 41.25 39.89 0.36
C ARG I 22 42.44 38.92 0.27
N PHE I 23 43.61 39.34 0.71
CA PHE I 23 44.83 38.52 0.57
C PHE I 23 45.67 38.48 1.84
N LEU I 24 46.57 37.51 1.88
CA LEU I 24 47.47 37.34 3.00
C LEU I 24 48.79 36.76 2.49
N SER I 25 49.90 37.28 3.01
CA SER I 25 51.22 36.76 2.66
C SER I 25 51.99 36.38 3.92
N PHE I 26 52.81 35.34 3.79
CA PHE I 26 53.62 34.86 4.91
C PHE I 26 54.78 34.01 4.41
N TYR I 27 55.78 33.83 5.27
CA TYR I 27 56.97 33.06 4.93
C TYR I 27 56.68 31.57 4.87
N ASP I 28 57.35 30.90 3.92
CA ASP I 28 57.27 29.45 3.81
C ASP I 28 58.16 28.82 4.88
N ILE I 29 57.64 27.81 5.58
CA ILE I 29 58.37 27.19 6.69
C ILE I 29 59.49 26.27 6.24
N ASN I 30 59.45 25.89 4.97
CA ASN I 30 60.53 25.18 4.33
C ASN I 30 61.04 25.93 3.10
N PRO I 31 61.85 26.98 3.35
CA PRO I 31 62.33 27.84 2.27
C PRO I 31 63.16 27.11 1.22
N LYS I 32 63.02 27.55 -0.03
CA LYS I 32 63.76 27.01 -1.17
C LYS I 32 64.62 28.13 -1.77
N ALA I 33 64.63 29.29 -1.11
CA ALA I 33 65.42 30.43 -1.53
C ALA I 33 65.66 31.32 -0.31
N LYS I 34 66.61 32.23 -0.42
CA LYS I 34 66.96 33.12 0.68
C LYS I 34 65.71 33.77 1.27
N VAL I 35 64.90 34.35 0.41
CA VAL I 35 63.58 34.83 0.79
C VAL I 35 62.56 34.00 0.04
N HIS I 36 61.67 33.35 0.79
CA HIS I 36 60.59 32.55 0.22
C HIS I 36 59.27 32.92 0.90
N ALA I 37 58.42 33.65 0.18
CA ALA I 37 57.11 34.03 0.68
C ALA I 37 56.00 33.33 -0.11
N LEU I 38 54.82 33.27 0.51
CA LEU I 38 53.61 32.71 -0.11
C LEU I 38 52.54 33.78 -0.11
N VAL I 39 51.84 33.95 -1.23
CA VAL I 39 50.72 34.87 -1.32
C VAL I 39 49.44 34.07 -1.56
N ILE I 40 48.46 34.25 -0.67
CA ILE I 40 47.21 33.49 -0.76
C ILE I 40 45.98 34.39 -0.68
N PRO I 41 44.94 34.04 -1.44
CA PRO I 41 43.67 34.71 -1.29
C PRO I 41 42.95 34.20 -0.05
N LYS I 42 42.35 35.09 0.72
CA LYS I 42 41.58 34.70 1.91
C LYS I 42 40.34 33.90 1.51
N GLN I 43 39.80 34.23 0.34
CA GLN I 43 38.67 33.50 -0.23
C GLN I 43 39.07 32.06 -0.51
N SER I 44 38.11 31.15 -0.36
CA SER I 44 38.37 29.71 -0.51
C SER I 44 38.44 29.35 -2.00
N ILE I 45 39.65 29.31 -2.54
CA ILE I 45 39.85 28.83 -3.92
C ILE I 45 41.09 27.95 -4.02
N GLN I 46 40.94 26.90 -4.82
CA GLN I 46 41.84 25.75 -4.77
C GLN I 46 43.12 25.93 -5.56
N ASP I 47 43.03 26.55 -6.73
CA ASP I 47 44.17 26.73 -7.61
C ASP I 47 43.95 27.90 -8.57
N PHE I 48 44.92 28.13 -9.47
CA PHE I 48 44.87 29.27 -10.37
C PHE I 48 43.67 29.21 -11.30
N ASN I 49 43.30 28.01 -11.73
CA ASN I 49 42.12 27.86 -12.57
C ASN I 49 40.84 28.46 -11.99
N GLY I 50 40.74 28.50 -10.67
CA GLY I 50 39.54 28.96 -9.98
C GLY I 50 39.59 30.38 -9.44
N ILE I 51 40.48 31.21 -9.99
CA ILE I 51 40.52 32.65 -9.62
C ILE I 51 39.95 33.46 -10.77
N THR I 52 39.16 34.50 -10.45
CA THR I 52 38.54 35.36 -11.45
C THR I 52 39.60 36.39 -11.90
N PRO I 53 39.50 36.88 -13.16
CA PRO I 53 40.50 37.87 -13.55
C PRO I 53 40.52 39.10 -12.64
N GLU I 54 39.34 39.64 -12.31
CA GLU I 54 39.16 40.78 -11.40
C GLU I 54 39.96 40.68 -10.09
N LEU I 55 40.04 39.46 -9.57
CA LEU I 55 40.70 39.20 -8.30
C LEU I 55 42.21 39.05 -8.47
N MET I 56 42.62 38.54 -9.63
CA MET I 56 44.03 38.39 -9.95
C MET I 56 44.66 39.74 -10.26
N ALA I 57 43.85 40.69 -10.72
CA ALA I 57 44.27 42.09 -10.83
C ALA I 57 44.64 42.63 -9.47
N GLN I 58 43.77 42.39 -8.49
CA GLN I 58 43.99 42.87 -7.13
C GLN I 58 45.13 42.13 -6.43
N MET I 59 45.34 40.86 -6.80
CA MET I 59 46.45 40.07 -6.27
C MET I 59 47.78 40.57 -6.84
N THR I 60 47.78 40.92 -8.13
CA THR I 60 48.98 41.46 -8.78
C THR I 60 49.42 42.74 -8.05
N SER I 61 48.44 43.58 -7.72
CA SER I 61 48.68 44.78 -6.93
C SER I 61 49.25 44.43 -5.56
N PHE I 62 48.67 43.43 -4.93
CA PHE I 62 49.14 42.94 -3.63
C PHE I 62 50.54 42.33 -3.70
N ILE I 63 50.84 41.63 -4.79
CA ILE I 63 52.16 41.02 -4.98
C ILE I 63 53.26 42.07 -5.05
N PHE I 64 52.98 43.18 -5.74
CA PHE I 64 53.91 44.30 -5.80
C PHE I 64 54.19 44.87 -4.41
N GLU I 65 53.16 44.90 -3.56
CA GLU I 65 53.33 45.37 -2.19
C GLU I 65 54.20 44.44 -1.35
N VAL I 66 54.09 43.13 -1.58
CA VAL I 66 54.85 42.14 -0.83
C VAL I 66 56.33 42.24 -1.18
N VAL I 67 56.64 42.10 -2.48
CA VAL I 67 58.03 42.13 -2.93
C VAL I 67 58.75 43.42 -2.57
N GLU I 68 57.99 44.51 -2.46
CA GLU I 68 58.54 45.79 -2.08
C GLU I 68 58.81 45.83 -0.58
N LYS I 69 57.88 45.29 0.20
CA LYS I 69 58.11 45.11 1.63
C LYS I 69 59.30 44.22 1.91
N LEU I 70 59.43 43.11 1.17
CA LEU I 70 60.58 42.23 1.34
C LEU I 70 61.88 42.80 0.78
N GLY I 71 61.80 43.84 -0.05
CA GLY I 71 63.01 44.50 -0.56
C GLY I 71 63.70 43.70 -1.65
N ILE I 72 62.96 42.81 -2.30
CA ILE I 72 63.47 42.01 -3.41
C ILE I 72 62.89 42.45 -4.74
N LYS I 73 62.02 43.47 -4.73
CA LYS I 73 61.38 43.95 -5.94
C LYS I 73 62.39 44.27 -7.04
N GLU I 74 63.46 44.94 -6.67
CA GLU I 74 64.48 45.41 -7.60
C GLU I 74 65.70 44.50 -7.68
N LYS I 75 65.91 43.67 -6.66
CA LYS I 75 66.98 42.68 -6.69
C LYS I 75 66.65 41.53 -7.64
N GLY I 76 65.39 41.14 -7.68
CA GLY I 76 64.93 40.06 -8.57
C GLY I 76 64.24 38.96 -7.80
N TYR I 77 63.17 38.42 -8.40
CA TYR I 77 62.40 37.36 -7.77
C TYR I 77 61.66 36.50 -8.80
N LYS I 78 61.27 35.30 -8.36
CA LYS I 78 60.50 34.38 -9.18
C LYS I 78 59.06 34.37 -8.70
N LEU I 79 58.13 34.26 -9.64
CA LEU I 79 56.72 34.11 -9.34
C LEU I 79 56.26 32.75 -9.87
N LEU I 80 55.71 31.92 -9.00
CA LEU I 80 55.32 30.54 -9.35
C LEU I 80 54.02 30.15 -8.66
N THR I 81 53.15 29.47 -9.41
CA THR I 81 52.02 28.79 -8.81
C THR I 81 51.81 27.46 -9.51
N ASN I 82 51.56 26.40 -8.73
CA ASN I 82 51.32 25.07 -9.25
C ASN I 82 49.83 24.79 -9.30
N VAL I 83 49.35 24.40 -10.48
CA VAL I 83 47.93 24.13 -10.69
C VAL I 83 47.71 22.62 -10.77
N GLY I 84 47.23 22.04 -9.66
CA GLY I 84 46.93 20.61 -9.60
C GLY I 84 48.08 19.77 -9.08
N LYS I 85 47.74 18.61 -8.54
CA LYS I 85 48.73 17.69 -7.97
C LYS I 85 49.76 17.23 -9.00
N ASN I 86 49.37 17.11 -10.25
CA ASN I 86 50.26 16.67 -11.31
C ASN I 86 51.33 17.68 -11.71
N ALA I 87 51.13 18.94 -11.32
CA ALA I 87 52.13 20.00 -11.49
C ALA I 87 52.86 20.31 -10.19
N GLY I 88 52.70 19.43 -9.20
CA GLY I 88 53.45 19.53 -7.94
C GLY I 88 52.75 20.24 -6.79
N GLN I 89 51.48 20.58 -6.96
CA GLN I 89 50.73 21.26 -5.89
C GLN I 89 50.47 20.29 -4.75
N GLU I 90 50.87 20.68 -3.55
CA GLU I 90 50.75 19.82 -2.36
C GLU I 90 49.63 20.30 -1.44
N VAL I 91 49.54 21.61 -1.22
CA VAL I 91 48.45 22.21 -0.45
C VAL I 91 47.40 22.70 -1.43
N MET I 92 46.15 22.31 -1.23
CA MET I 92 45.08 22.61 -2.19
C MET I 92 44.34 23.89 -1.84
N HIS I 93 45.09 24.98 -1.84
CA HIS I 93 44.54 26.32 -1.76
C HIS I 93 45.44 27.16 -2.65
N LEU I 94 44.85 28.02 -3.48
CA LEU I 94 45.61 28.82 -4.44
C LEU I 94 46.71 29.57 -3.71
N HIS I 95 47.94 29.42 -4.19
CA HIS I 95 49.05 30.17 -3.62
C HIS I 95 50.15 30.39 -4.64
N PHE I 96 50.76 31.57 -4.56
CA PHE I 96 51.90 31.92 -5.39
C PHE I 96 53.15 31.91 -4.54
N HIS I 97 54.17 31.21 -5.02
CA HIS I 97 55.49 31.25 -4.41
C HIS I 97 56.22 32.47 -4.90
N ILE I 98 56.83 33.21 -3.97
CA ILE I 98 57.74 34.29 -4.31
C ILE I 98 59.11 33.91 -3.80
N LEU I 99 59.99 33.56 -4.74
CA LEU I 99 61.37 33.18 -4.42
C LEU I 99 62.31 34.28 -4.88
N SER I 100 63.48 34.32 -4.27
CA SER I 100 64.49 35.34 -4.51
C SER I 100 65.77 34.62 -5.09
N GLY I 101 66.39 33.74 -4.30
CA GLY I 101 67.63 33.06 -4.73
C GLY I 101 68.80 34.02 -4.78
N ASP I 102 69.38 34.14 -5.96
CA ASP I 102 70.30 35.21 -6.27
C ASP I 102 69.43 36.40 -6.71
N MET J 1 64.43 44.29 -31.22
CA MET J 1 65.77 44.27 -30.51
C MET J 1 65.94 43.13 -29.50
N ASN J 2 64.99 42.22 -29.39
CA ASN J 2 65.20 40.99 -28.61
C ASN J 2 64.37 39.83 -29.19
N VAL J 3 64.66 38.60 -28.79
CA VAL J 3 64.11 37.42 -29.47
C VAL J 3 62.57 37.34 -29.48
N PHE J 4 61.93 37.67 -28.36
CA PHE J 4 60.46 37.65 -28.30
C PHE J 4 59.85 38.85 -29.03
N GLU J 5 60.55 39.99 -29.02
CA GLU J 5 60.10 41.18 -29.77
C GLU J 5 60.12 40.89 -31.26
N LYS J 6 61.13 40.13 -31.71
CA LYS J 6 61.23 39.71 -33.10
C LYS J 6 60.06 38.82 -33.50
N ILE J 7 59.66 37.93 -32.60
CA ILE J 7 58.50 37.07 -32.83
C ILE J 7 57.24 37.91 -32.97
N ILE J 8 57.08 38.89 -32.06
CA ILE J 8 55.91 39.78 -32.07
C ILE J 8 55.83 40.57 -33.39
N GLN J 9 56.99 41.01 -33.88
CA GLN J 9 57.05 41.84 -35.08
C GLN J 9 57.06 40.98 -36.32
N GLY J 10 57.14 39.65 -36.13
CA GLY J 10 57.04 38.69 -37.21
C GLY J 10 58.33 38.49 -37.99
N GLU J 11 59.44 38.92 -37.43
CA GLU J 11 60.72 38.70 -38.12
C GLU J 11 61.22 37.30 -38.01
N ILE J 12 60.93 36.61 -36.90
CA ILE J 12 61.29 35.21 -36.77
C ILE J 12 60.04 34.36 -36.50
N PRO J 13 59.99 33.17 -37.10
CA PRO J 13 58.81 32.32 -36.96
C PRO J 13 58.66 31.76 -35.54
N CYS J 14 57.51 31.15 -35.28
CA CYS J 14 57.29 30.42 -34.03
C CYS J 14 56.14 29.43 -34.21
N SER J 15 55.95 28.56 -33.23
CA SER J 15 54.84 27.62 -33.21
C SER J 15 53.72 28.23 -32.38
N LYS J 16 52.96 29.11 -33.01
CA LYS J 16 51.89 29.84 -32.34
C LYS J 16 50.78 28.92 -31.85
N ILE J 17 50.49 29.02 -30.55
CA ILE J 17 49.44 28.23 -29.91
C ILE J 17 48.13 29.00 -29.99
N LEU J 18 48.14 30.22 -29.47
CA LEU J 18 46.98 31.11 -29.50
C LEU J 18 47.46 32.55 -29.59
N GLU J 19 46.64 33.42 -30.15
CA GLU J 19 46.95 34.82 -30.28
C GLU J 19 45.70 35.68 -30.18
N ASN J 20 45.88 36.91 -29.71
CA ASN J 20 44.79 37.88 -29.71
C ASN J 20 45.39 39.28 -29.74
N GLU J 21 44.54 40.30 -29.68
CA GLU J 21 44.96 41.69 -29.90
C GLU J 21 46.08 42.15 -28.96
N ARG J 22 46.10 41.63 -27.74
CA ARG J 22 47.06 42.06 -26.72
C ARG J 22 48.10 41.01 -26.31
N PHE J 23 47.86 39.74 -26.62
CA PHE J 23 48.75 38.66 -26.17
C PHE J 23 49.05 37.65 -27.27
N LEU J 24 50.09 36.87 -27.03
CA LEU J 24 50.52 35.83 -27.97
C LEU J 24 51.12 34.68 -27.18
N SER J 25 50.79 33.45 -27.57
CA SER J 25 51.36 32.26 -26.96
C SER J 25 51.99 31.37 -28.01
N PHE J 26 53.07 30.69 -27.62
CA PHE J 26 53.79 29.79 -28.52
C PHE J 26 54.66 28.81 -27.74
N TYR J 27 55.05 27.73 -28.40
CA TYR J 27 55.87 26.69 -27.76
C TYR J 27 57.30 27.14 -27.56
N ASP J 28 57.89 26.71 -26.44
CA ASP J 28 59.29 26.97 -26.14
C ASP J 28 60.13 25.99 -26.97
N ILE J 29 61.18 26.52 -27.60
CA ILE J 29 62.03 25.71 -28.49
C ILE J 29 62.95 24.76 -27.73
N ASN J 30 63.14 25.04 -26.45
CA ASN J 30 63.87 24.16 -25.55
C ASN J 30 62.98 23.75 -24.38
N PRO J 31 62.06 22.81 -24.63
CA PRO J 31 61.09 22.39 -23.61
C PRO J 31 61.73 21.82 -22.36
N LYS J 32 61.10 22.10 -21.21
CA LYS J 32 61.52 21.59 -19.91
C LYS J 32 60.40 20.72 -19.32
N ALA J 33 59.36 20.48 -20.11
CA ALA J 33 58.25 19.64 -19.74
C ALA J 33 57.58 19.14 -21.01
N LYS J 34 56.75 18.11 -20.87
CA LYS J 34 56.06 17.53 -22.03
C LYS J 34 55.41 18.58 -22.88
N VAL J 35 54.61 19.42 -22.25
CA VAL J 35 54.09 20.62 -22.90
C VAL J 35 54.71 21.82 -22.21
N HIS J 36 55.37 22.66 -23.00
CA HIS J 36 55.98 23.89 -22.52
C HIS J 36 55.61 25.05 -23.44
N ALA J 37 54.71 25.91 -22.97
CA ALA J 37 54.29 27.09 -23.71
C ALA J 37 54.76 28.37 -23.03
N LEU J 38 54.82 29.44 -23.81
CA LEU J 38 55.16 30.77 -23.32
C LEU J 38 54.01 31.71 -23.64
N VAL J 39 53.62 32.54 -22.68
CA VAL J 39 52.59 33.56 -22.90
C VAL J 39 53.23 34.92 -22.76
N ILE J 40 53.10 35.74 -23.81
CA ILE J 40 53.73 37.06 -23.83
C ILE J 40 52.75 38.16 -24.24
N PRO J 41 52.89 39.34 -23.62
CA PRO J 41 52.13 40.50 -24.05
C PRO J 41 52.77 41.07 -25.32
N LYS J 42 51.94 41.45 -26.28
CA LYS J 42 52.44 42.08 -27.51
C LYS J 42 53.06 43.44 -27.22
N GLN J 43 52.52 44.12 -26.22
CA GLN J 43 53.06 45.38 -25.74
C GLN J 43 54.47 45.18 -25.22
N SER J 44 55.31 46.20 -25.40
CA SER J 44 56.71 46.13 -25.01
C SER J 44 56.88 46.30 -23.50
N ILE J 45 56.94 45.19 -22.79
CA ILE J 45 57.10 45.20 -21.36
C ILE J 45 58.14 44.18 -20.92
N GLN J 46 59.02 44.58 -20.01
CA GLN J 46 60.25 43.83 -19.75
C GLN J 46 60.08 42.66 -18.78
N ASP J 47 59.28 42.85 -17.75
CA ASP J 47 59.08 41.83 -16.73
C ASP J 47 57.76 42.05 -15.97
N PHE J 48 57.50 41.21 -14.97
CA PHE J 48 56.23 41.27 -14.25
C PHE J 48 56.05 42.59 -13.52
N ASN J 49 57.13 43.15 -12.99
CA ASN J 49 57.06 44.46 -12.35
C ASN J 49 56.45 45.57 -13.20
N GLY J 50 56.60 45.47 -14.52
CA GLY J 50 56.13 46.49 -15.45
C GLY J 50 54.82 46.19 -16.16
N ILE J 51 53.99 45.32 -15.59
CA ILE J 51 52.64 45.06 -16.13
C ILE J 51 51.60 45.70 -15.21
N THR J 52 50.57 46.31 -15.79
CA THR J 52 49.51 46.97 -15.03
C THR J 52 48.53 45.88 -14.55
N PRO J 53 47.85 46.10 -13.40
CA PRO J 53 46.90 45.06 -12.98
C PRO J 53 45.83 44.76 -14.01
N GLU J 54 45.24 45.80 -14.58
CA GLU J 54 44.26 45.68 -15.66
C GLU J 54 44.63 44.76 -16.81
N LEU J 55 45.90 44.74 -17.16
CA LEU J 55 46.40 43.94 -18.28
C LEU J 55 46.67 42.51 -17.84
N MET J 56 47.02 42.34 -16.57
CA MET J 56 47.25 41.01 -16.00
C MET J 56 45.92 40.29 -15.78
N ALA J 57 44.85 41.05 -15.60
CA ALA J 57 43.50 40.50 -15.59
C ALA J 57 43.21 39.86 -16.94
N GLN J 58 43.51 40.59 -18.01
CA GLN J 58 43.25 40.14 -19.37
C GLN J 58 44.18 38.99 -19.76
N MET J 59 45.40 38.99 -19.21
CA MET J 59 46.36 37.90 -19.43
C MET J 59 45.90 36.63 -18.72
N THR J 60 45.36 36.77 -17.52
CA THR J 60 44.83 35.63 -16.77
C THR J 60 43.74 34.94 -17.58
N SER J 61 42.87 35.76 -18.17
CA SER J 61 41.82 35.28 -19.05
C SER J 61 42.43 34.55 -20.25
N PHE J 62 43.46 35.15 -20.83
CA PHE J 62 44.17 34.56 -21.96
C PHE J 62 44.88 33.26 -21.59
N ILE J 63 45.43 33.19 -20.38
CA ILE J 63 46.12 32.00 -19.90
C ILE J 63 45.17 30.81 -19.79
N PHE J 64 43.94 31.07 -19.31
CA PHE J 64 42.92 30.02 -19.25
C PHE J 64 42.59 29.49 -20.65
N GLU J 65 42.60 30.37 -21.64
CA GLU J 65 42.36 29.96 -23.02
C GLU J 65 43.47 29.06 -23.56
N VAL J 66 44.71 29.35 -23.17
CA VAL J 66 45.86 28.61 -23.67
C VAL J 66 45.85 27.20 -23.10
N VAL J 67 45.84 27.10 -21.78
CA VAL J 67 45.86 25.80 -21.10
C VAL J 67 44.70 24.91 -21.51
N GLU J 68 43.57 25.50 -21.88
CA GLU J 68 42.43 24.72 -22.30
C GLU J 68 42.61 24.27 -23.75
N LYS J 69 43.18 25.13 -24.59
CA LYS J 69 43.59 24.72 -25.94
C LYS J 69 44.63 23.61 -25.90
N LEU J 70 45.61 23.71 -25.01
CA LEU J 70 46.62 22.66 -24.89
C LEU J 70 46.08 21.40 -24.21
N GLY J 71 44.93 21.48 -23.55
CA GLY J 71 44.32 20.29 -22.94
C GLY J 71 45.00 19.87 -21.66
N ILE J 72 45.71 20.79 -21.02
CA ILE J 72 46.39 20.53 -19.75
C ILE J 72 45.70 21.25 -18.59
N LYS J 73 44.62 21.99 -18.88
CA LYS J 73 43.92 22.75 -17.86
C LYS J 73 43.55 21.88 -16.66
N GLU J 74 43.05 20.68 -16.94
CA GLU J 74 42.56 19.77 -15.91
C GLU J 74 43.54 18.70 -15.52
N LYS J 75 44.51 18.44 -16.38
CA LYS J 75 45.57 17.49 -16.07
C LYS J 75 46.53 18.08 -15.05
N GLY J 76 46.80 19.38 -15.16
CA GLY J 76 47.67 20.08 -14.23
C GLY J 76 48.80 20.77 -14.93
N TYR J 77 49.15 21.97 -14.45
CA TYR J 77 50.22 22.75 -15.04
C TYR J 77 50.85 23.71 -14.05
N LYS J 78 52.07 24.16 -14.38
CA LYS J 78 52.79 25.14 -13.57
C LYS J 78 52.77 26.49 -14.27
N LEU J 79 52.67 27.55 -13.48
CA LEU J 79 52.79 28.90 -13.99
C LEU J 79 53.96 29.57 -13.36
N LEU J 80 54.84 30.10 -14.20
CA LEU J 80 56.08 30.70 -13.73
C LEU J 80 56.45 31.91 -14.56
N THR J 81 56.94 32.95 -13.88
CA THR J 81 57.60 34.06 -14.55
C THR J 81 58.78 34.53 -13.71
N ASN J 82 59.90 34.78 -14.39
CA ASN J 82 61.13 35.24 -13.73
C ASN J 82 61.26 36.75 -13.89
N VAL J 83 61.43 37.44 -12.77
CA VAL J 83 61.52 38.88 -12.77
C VAL J 83 62.98 39.28 -12.51
N GLY J 84 63.68 39.66 -13.57
CA GLY J 84 65.06 40.10 -13.49
C GLY J 84 66.07 39.00 -13.72
N LYS J 85 67.27 39.37 -14.14
CA LYS J 85 68.33 38.42 -14.40
C LYS J 85 68.72 37.59 -13.18
N ASN J 86 68.62 38.17 -12.00
CA ASN J 86 68.98 37.49 -10.75
C ASN J 86 68.01 36.40 -10.34
N ALA J 87 66.81 36.41 -10.92
CA ALA J 87 65.84 35.33 -10.73
C ALA J 87 65.80 34.39 -11.93
N GLY J 88 66.79 34.50 -12.81
CA GLY J 88 66.94 33.57 -13.92
C GLY J 88 66.36 34.01 -15.26
N GLN J 89 65.88 35.26 -15.34
CA GLN J 89 65.32 35.77 -16.59
C GLN J 89 66.42 35.97 -17.62
N GLU J 90 66.24 35.37 -18.80
CA GLU J 90 67.23 35.33 -19.86
C GLU J 90 66.82 36.27 -21.01
N VAL J 91 65.56 36.19 -21.42
CA VAL J 91 65.00 37.10 -22.42
C VAL J 91 64.27 38.20 -21.67
N MET J 92 64.59 39.45 -22.01
CA MET J 92 64.04 40.60 -21.30
C MET J 92 62.76 41.13 -21.92
N HIS J 93 61.74 40.27 -21.95
CA HIS J 93 60.39 40.64 -22.32
C HIS J 93 59.51 39.80 -21.41
N LEU J 94 58.50 40.41 -20.81
CA LEU J 94 57.63 39.70 -19.86
C LEU J 94 57.11 38.43 -20.50
N HIS J 95 57.29 37.31 -19.82
CA HIS J 95 56.73 36.06 -20.29
C HIS J 95 56.46 35.11 -19.16
N PHE J 96 55.36 34.37 -19.29
CA PHE J 96 55.00 33.33 -18.35
C PHE J 96 55.27 31.98 -18.97
N HIS J 97 55.97 31.12 -18.24
CA HIS J 97 56.14 29.73 -18.63
C HIS J 97 54.91 28.95 -18.20
N ILE J 98 54.38 28.13 -19.11
CA ILE J 98 53.35 27.16 -18.77
C ILE J 98 53.92 25.77 -18.99
N LEU J 99 54.19 25.08 -17.90
CA LEU J 99 54.73 23.72 -17.94
C LEU J 99 53.67 22.75 -17.47
N SER J 100 53.82 21.49 -17.90
CA SER J 100 52.85 20.44 -17.66
C SER J 100 53.46 19.23 -16.94
N GLY J 101 52.61 18.40 -16.32
CA GLY J 101 52.96 17.08 -15.81
C GLY J 101 54.03 17.10 -14.78
P AMP K . 16.25 11.14 -6.14
O1P AMP K . 17.38 11.77 -6.92
O2P AMP K . 15.39 10.23 -7.01
O3P AMP K . 16.71 10.56 -4.82
O5' AMP K . 15.26 12.37 -5.76
C5' AMP K . 14.41 12.99 -6.75
C4' AMP K . 14.93 14.37 -7.10
O4' AMP K . 14.23 14.92 -8.24
C3' AMP K . 14.75 15.32 -5.93
O3' AMP K . 15.98 16.03 -5.66
C2' AMP K . 13.62 16.24 -6.38
O2' AMP K . 13.77 17.55 -5.82
C1' AMP K . 13.71 16.20 -7.90
N9 AMP K . 12.39 16.47 -8.55
C8 AMP K . 11.21 15.88 -8.29
N7 AMP K . 10.23 16.38 -9.08
C5 AMP K . 10.78 17.32 -9.89
C6 AMP K . 10.31 18.23 -10.96
N6 AMP K . 9.01 18.24 -11.35
N1 AMP K . 11.21 19.06 -11.55
C2 AMP K . 12.51 19.06 -11.18
N3 AMP K . 13.01 18.25 -10.21
C4 AMP K . 12.21 17.37 -9.54
P AMP L . -28.05 -15.66 16.89
O1P AMP L . -27.99 -14.41 16.03
O2P AMP L . -29.47 -15.94 17.33
O3P AMP L . -27.30 -16.86 16.36
O5' AMP L . -27.28 -15.27 18.26
C5' AMP L . -26.56 -16.23 19.04
C4' AMP L . -25.18 -15.66 19.38
O4' AMP L . -25.00 -15.77 20.78
C3' AMP L . -24.02 -16.39 18.70
O3' AMP L . -23.19 -15.46 18.01
C2' AMP L . -23.30 -17.09 19.84
O2' AMP L . -21.87 -17.13 19.70
C1' AMP L . -23.70 -16.28 21.07
N9 AMP L . -23.69 -17.09 22.32
C8 AMP L . -24.10 -18.36 22.49
N7 AMP L . -23.92 -18.74 23.78
C5 AMP L . -23.37 -17.71 24.45
C6 AMP L . -22.92 -17.45 25.84
N6 AMP L . -23.03 -18.40 26.79
N1 AMP L . -22.41 -16.22 26.11
C2 AMP L . -22.30 -15.26 25.18
N3 AMP L . -22.69 -15.43 23.89
C4 AMP L . -23.23 -16.62 23.48
P AMP M . 2.83 -2.52 -12.02
O1P AMP M . 3.97 -1.80 -11.35
O2P AMP M . 2.70 -3.95 -11.53
O3P AMP M . 2.71 -2.40 -13.52
O5' AMP M . 1.52 -1.75 -11.48
C5' AMP M . 1.19 -1.71 -10.09
C4' AMP M . -0.30 -1.93 -9.90
O4' AMP M . -0.61 -2.15 -8.52
C3' AMP M . -1.12 -0.71 -10.30
O3' AMP M . -1.38 -0.67 -11.71
C2' AMP M . -2.36 -0.82 -9.45
O2' AMP M . -3.42 -1.52 -10.14
C1' AMP M . -1.90 -1.59 -8.23
N9 AMP M . -1.87 -0.68 -7.05
C8 AMP M . -1.34 0.56 -6.97
N7 AMP M . -1.52 1.08 -5.74
C5 AMP M . -2.17 0.17 -5.00
C6 AMP M . -2.69 0.08 -3.62
N6 AMP M . -2.52 1.08 -2.74
N1 AMP M . -3.32 -1.07 -3.25
C2 AMP M . -3.49 -2.09 -4.11
N3 AMP M . -3.06 -2.07 -5.37
C4 AMP M . -2.41 -0.99 -5.87
P AMP N . -62.72 -28.66 28.85
O1P AMP N . -61.86 -28.35 27.64
O2P AMP N . -62.09 -29.62 29.83
O3P AMP N . -64.16 -28.95 28.46
O5' AMP N . -62.79 -27.25 29.66
C5' AMP N . -63.96 -26.41 29.73
C4' AMP N . -63.57 -25.05 30.29
O4' AMP N . -64.71 -24.20 30.33
C3' AMP N . -63.04 -25.14 31.72
O3' AMP N . -61.66 -24.73 31.78
C2' AMP N . -63.95 -24.23 32.53
O2' AMP N . -63.21 -23.42 33.43
C1' AMP N . -64.64 -23.37 31.48
N9 AMP N . -65.99 -22.90 31.88
C8 AMP N . -66.99 -23.62 32.41
N7 AMP N . -68.09 -22.84 32.62
C5 AMP N . -67.80 -21.60 32.19
C6 AMP N . -68.49 -20.30 32.11
N6 AMP N . -69.77 -20.16 32.54
N1 AMP N . -67.81 -19.25 31.59
C2 AMP N . -66.54 -19.36 31.16
N3 AMP N . -65.85 -20.52 31.20
C4 AMP N . -66.42 -21.66 31.71
P AMP O . 53.04 23.49 -2.86
O1P AMP O . 53.42 24.95 -2.77
O2P AMP O . 53.34 22.87 -4.20
O3P AMP O . 51.67 23.21 -2.30
O5' AMP O . 54.07 22.75 -1.87
C5' AMP O . 53.98 22.97 -0.46
C4' AMP O . 54.86 24.15 -0.06
O4' AMP O . 54.23 24.85 1.02
C3' AMP O . 56.23 23.69 0.40
O3' AMP O . 57.26 24.50 -0.19
C2' AMP O . 56.19 23.83 1.91
O2' AMP O . 57.43 24.26 2.46
C1' AMP O . 55.09 24.86 2.16
N9 AMP O . 54.37 24.61 3.44
C8 AMP O . 53.93 23.44 3.96
N7 AMP O . 53.34 23.65 5.17
C5 AMP O . 53.40 24.98 5.43
C6 AMP O . 52.98 25.89 6.53
N6 AMP O . 52.34 25.41 7.62
N1 AMP O . 53.25 27.22 6.40
C2 AMP O . 53.89 27.73 5.33
N3 AMP O . 54.30 26.95 4.31
C4 AMP O . 54.09 25.60 4.30
#